data_9DZ6
#
_entry.id   9DZ6
#
_cell.length_a   1.00
_cell.length_b   1.00
_cell.length_c   1.00
_cell.angle_alpha   90.00
_cell.angle_beta   90.00
_cell.angle_gamma   90.00
#
_symmetry.space_group_name_H-M   'P 1'
#
loop_
_entity.id
_entity.type
_entity.pdbx_description
1 polymer 'Protein MSN5'
2 polymer 'GTP-binding nuclear protein GSP1/CNR1'
3 non-polymer "GUANOSINE-5'-TRIPHOSPHATE"
4 non-polymer 'MAGNESIUM ION'
#
loop_
_entity_poly.entity_id
_entity_poly.type
_entity_poly.pdbx_seq_one_letter_code
_entity_poly.pdbx_strand_id
1 'polypeptide(L)'
;MDSTGASQIVSALDVIYSPKSNNSQRQEAQKFLDEVKLCSESPFWGYEIALQNPTNSILKYFGLGLLDHAVKKNWNDYDE
GKRVALRKWVMELNFGVQDYDTRYIKEKLATLWVEVAKRTWGEALKQTNPTEEQLLTSWVDMDNNLFELWNINQSSRELA
LIIFRILFEDVFLLDDLIVLKRMTVIQPLCVMIVCPIEVFAIKYKFSDKWTKFKANEEGWFSVWIPELNNALQQNNSEYI
IRLLETLKTCLNWPLTEVIVRNDVLSSLLTCLSSNIPRAQSMALDSIHILLTRPYSNESHYQMTIDRVFDNMDLLDSVYE
SLLFDPTDDIDETKYPIIKKFVDMISCLYVCVPKIKETNGQIQKYFKLVLKTTYNPSLIVSGLTLDLWCTCLRNDEYLPK
LEKYVIPDLLQFAADALVYYEQIDGHISKKFAEIDFQSKSEFQTFCSTYRKRIRDIIRLISCVELDLTYDWLNNRLNNYF
SSPFGQQVLSSTFLDHKLEPYLGALSQYMIVECFINGCIRWKIWYPTGDDYDEKLDSILQKLEILSNQLIALNLREPLLL
KKQIQNFALFLTMLKDNVLFTLLEKIITSATMDYPEINLEERGAESDAVRDLRYACGIELNRMALLMPESLKKIYPDLES
VIARIMPNLSYHEKISFKSFLLIIVLKSSLDMKEERFAAIVDPELLAWSDKTTVVGLSDLHWFMERLGIVQIAEYFQRRD
IDENSDLLSIPIDDEGKELKSELTKRWQSLFPVRATRMFIHYSMQSIKTDEEFKMLQDLWRPRIVPILPYITRLLYQLQS
YHDPDNWKGLPTVVQSFVKYSTIERFWEAGASNKSKDEFIDEHMKAMQTLRDFADSVGHIIRYTREYTLLVLSAISSLGS
VFYLLDESPDLLLNSIAIFKPGSNEISPGVSTHGWKHIMNIAIRPILKGCPKDCLGKFMPAFLPKLFEILDLLLCQKWSS
HMNDMDMNPVPTDDDQMTEEILEENLLRQLTTVVVRIVIDCVGQGNANPNSAKSRLNNHQMEMRKIIFNDLNTLAPFLKL
LNHLISFKDTKCSFNSILVMKCCLTSVLNQNNTVDEYFTFEVMKNLLLNVLCNSAFKDSFHEALYAFTVIFLTLCKEYPS
ARAFLFEISNGYNIDELYRNLRSVDEYKTQRALMIDFIDWVKSTSGKEDGNVDHAGDERKRQEKREAILKKANERLIKKN
KENGDMLDDPNIEDGAVGNLFDDNENLYFQ
;
A
2 'polypeptide(L)'
;MASAPAANGEVPTFKLVLVGDGGTGKTTFVKRHLTGEFEKKYIATIGVEVHPLSFYTNFGEIKFDVWDTAGLEKFGGLRD
GYYINAQCAIIMFDVTSRITYKNVPNWHRDLVRVCENIPIVLCGNKVDVKERKVKAKTITFHRKKNLQYYDISAKSNYNF
EKPFLWLARKLAGNPQLEFVENLYFQ
;
B
#
loop_
_chem_comp.id
_chem_comp.type
_chem_comp.name
_chem_comp.formula
GTP non-polymer GUANOSINE-5'-TRIPHOSPHATE 'C10 H16 N5 O14 P3'
MG non-polymer 'MAGNESIUM ION' 'Mg 2'
#
# COMPACT_ATOMS: atom_id res chain seq x y z
N ALA A 6 -57.99 -1.75 -5.69
CA ALA A 6 -57.93 -0.60 -6.58
C ALA A 6 -57.70 0.67 -5.79
N SER A 7 -58.32 0.75 -4.61
CA SER A 7 -58.14 1.87 -3.69
C SER A 7 -57.34 1.52 -2.45
N GLN A 8 -57.41 0.25 -2.01
CA GLN A 8 -56.57 -0.17 -0.90
C GLN A 8 -55.10 -0.02 -1.25
N ILE A 9 -54.73 -0.30 -2.49
CA ILE A 9 -53.35 -0.14 -2.90
C ILE A 9 -52.94 1.32 -2.84
N VAL A 10 -53.80 2.22 -3.29
CA VAL A 10 -53.48 3.65 -3.25
C VAL A 10 -53.31 4.11 -1.82
N SER A 11 -54.21 3.69 -0.94
CA SER A 11 -54.10 4.09 0.47
C SER A 11 -52.82 3.53 1.09
N ALA A 12 -52.48 2.28 0.78
CA ALA A 12 -51.25 1.70 1.30
C ALA A 12 -50.03 2.46 0.80
N LEU A 13 -50.03 2.84 -0.47
CA LEU A 13 -48.90 3.61 -1.00
C LEU A 13 -48.82 4.97 -0.33
N ASP A 14 -49.95 5.62 -0.07
CA ASP A 14 -49.93 6.89 0.63
C ASP A 14 -49.34 6.71 2.03
N VAL A 15 -49.72 5.64 2.71
CA VAL A 15 -49.15 5.35 4.02
C VAL A 15 -47.64 5.16 3.92
N ILE A 16 -47.20 4.40 2.92
CA ILE A 16 -45.78 4.10 2.78
C ILE A 16 -44.99 5.37 2.53
N TYR A 17 -45.47 6.22 1.64
CA TYR A 17 -44.74 7.40 1.22
C TYR A 17 -44.99 8.62 2.09
N SER A 18 -46.02 8.61 2.92
CA SER A 18 -46.30 9.76 3.76
C SER A 18 -45.19 9.89 4.82
N PRO A 19 -44.56 11.06 4.96
CA PRO A 19 -43.52 11.20 5.99
C PRO A 19 -44.05 11.04 7.40
N LYS A 20 -45.36 11.20 7.61
CA LYS A 20 -45.93 11.19 8.95
C LYS A 20 -46.21 9.80 9.49
N SER A 21 -46.06 8.76 8.67
CA SER A 21 -46.42 7.42 9.09
C SER A 21 -45.33 6.79 9.93
N ASN A 22 -45.74 6.08 10.99
CA ASN A 22 -44.79 5.34 11.82
C ASN A 22 -44.29 4.11 11.08
N ASN A 23 -43.09 3.66 11.46
CA ASN A 23 -42.50 2.51 10.79
C ASN A 23 -43.38 1.27 10.91
N SER A 24 -44.11 1.13 12.01
CA SER A 24 -45.04 0.01 12.12
C SER A 24 -46.14 0.11 11.07
N GLN A 25 -46.68 1.32 10.88
CA GLN A 25 -47.70 1.51 9.87
C GLN A 25 -47.16 1.23 8.47
N ARG A 26 -45.93 1.69 8.20
CA ARG A 26 -45.32 1.39 6.92
C ARG A 26 -45.15 -0.11 6.74
N GLN A 27 -44.76 -0.83 7.79
CA GLN A 27 -44.56 -2.26 7.66
C GLN A 27 -45.87 -2.99 7.43
N GLU A 28 -46.95 -2.54 8.07
CA GLU A 28 -48.26 -3.14 7.81
C GLU A 28 -48.67 -2.91 6.36
N ALA A 29 -48.54 -1.67 5.88
CA ALA A 29 -48.88 -1.39 4.49
C ALA A 29 -48.01 -2.20 3.54
N GLN A 30 -46.74 -2.38 3.88
CA GLN A 30 -45.86 -3.17 3.04
C GLN A 30 -46.27 -4.63 3.03
N LYS A 31 -46.73 -5.16 4.16
CA LYS A 31 -47.27 -6.51 4.18
C LYS A 31 -48.44 -6.62 3.22
N PHE A 32 -49.35 -5.65 3.26
CA PHE A 32 -50.49 -5.70 2.34
C PHE A 32 -50.02 -5.65 0.89
N LEU A 33 -49.08 -4.77 0.58
CA LEU A 33 -48.62 -4.64 -0.81
C LEU A 33 -47.92 -5.91 -1.27
N ASP A 34 -47.13 -6.54 -0.40
CA ASP A 34 -46.49 -7.79 -0.77
C ASP A 34 -47.52 -8.88 -1.00
N GLU A 35 -48.55 -8.93 -0.16
CA GLU A 35 -49.65 -9.86 -0.39
C GLU A 35 -50.25 -9.64 -1.77
N VAL A 36 -50.46 -8.38 -2.15
CA VAL A 36 -50.98 -8.09 -3.48
C VAL A 36 -50.02 -8.60 -4.55
N LYS A 37 -48.72 -8.36 -4.35
CA LYS A 37 -47.74 -8.74 -5.35
C LYS A 37 -47.72 -10.25 -5.55
N LEU A 38 -47.95 -11.03 -4.50
CA LEU A 38 -47.88 -12.48 -4.61
C LEU A 38 -49.13 -13.10 -5.21
N CYS A 39 -50.16 -12.32 -5.48
CA CYS A 39 -51.40 -12.88 -5.99
C CYS A 39 -51.19 -13.47 -7.39
N SER A 40 -52.06 -14.41 -7.75
CA SER A 40 -51.93 -15.08 -9.04
C SER A 40 -52.08 -14.09 -10.20
N GLU A 41 -53.02 -13.16 -10.08
CA GLU A 41 -53.28 -12.17 -11.12
C GLU A 41 -52.58 -10.85 -10.82
N SER A 42 -51.41 -10.89 -10.21
CA SER A 42 -50.66 -9.66 -9.98
C SER A 42 -50.34 -8.93 -11.28
N PRO A 43 -49.80 -9.57 -12.32
CA PRO A 43 -49.43 -8.79 -13.52
C PRO A 43 -50.61 -8.09 -14.17
N PHE A 44 -51.77 -8.72 -14.22
CA PHE A 44 -52.92 -8.06 -14.84
C PHE A 44 -53.35 -6.85 -14.03
N TRP A 45 -53.34 -6.97 -12.70
CA TRP A 45 -53.66 -5.81 -11.87
C TRP A 45 -52.64 -4.70 -12.07
N GLY A 46 -51.36 -5.06 -12.20
CA GLY A 46 -50.35 -4.06 -12.46
C GLY A 46 -50.57 -3.34 -13.77
N TYR A 47 -50.91 -4.09 -14.82
CA TYR A 47 -51.21 -3.48 -16.11
C TYR A 47 -52.41 -2.55 -16.02
N GLU A 48 -53.46 -3.00 -15.35
CA GLU A 48 -54.64 -2.16 -15.17
C GLU A 48 -54.29 -0.88 -14.42
N ILE A 49 -53.51 -1.01 -13.35
CA ILE A 49 -53.13 0.16 -12.55
C ILE A 49 -52.32 1.13 -13.39
N ALA A 50 -51.34 0.61 -14.13
CA ALA A 50 -50.50 1.49 -14.94
C ALA A 50 -51.32 2.21 -16.00
N LEU A 51 -52.24 1.51 -16.65
CA LEU A 51 -53.05 2.15 -17.69
C LEU A 51 -53.97 3.21 -17.09
N GLN A 52 -54.68 2.87 -16.02
CA GLN A 52 -55.77 3.69 -15.54
C GLN A 52 -55.33 4.84 -14.64
N ASN A 53 -54.05 4.94 -14.31
CA ASN A 53 -53.54 5.98 -13.41
C ASN A 53 -52.34 6.65 -14.05
N PRO A 54 -52.55 7.37 -15.15
CA PRO A 54 -51.43 8.09 -15.78
C PRO A 54 -50.98 9.31 -14.99
N THR A 55 -51.89 9.94 -14.24
CA THR A 55 -51.53 11.13 -13.49
C THR A 55 -50.76 10.79 -12.21
N ASN A 56 -51.05 9.65 -11.59
CA ASN A 56 -50.41 9.27 -10.34
C ASN A 56 -49.12 8.52 -10.67
N SER A 57 -47.99 9.19 -10.49
CA SER A 57 -46.72 8.59 -10.86
C SER A 57 -46.36 7.41 -9.96
N ILE A 58 -46.57 7.55 -8.65
CA ILE A 58 -46.18 6.50 -7.72
C ILE A 58 -46.98 5.24 -8.00
N LEU A 59 -48.30 5.39 -8.18
CA LEU A 59 -49.15 4.23 -8.41
C LEU A 59 -48.83 3.55 -9.73
N LYS A 60 -48.57 4.34 -10.78
CA LYS A 60 -48.18 3.74 -12.05
C LYS A 60 -46.86 2.99 -11.91
N TYR A 61 -45.92 3.55 -11.16
CA TYR A 61 -44.65 2.86 -10.96
C TYR A 61 -44.85 1.57 -10.20
N PHE A 62 -45.77 1.55 -9.24
CA PHE A 62 -46.06 0.31 -8.53
C PHE A 62 -46.65 -0.73 -9.46
N GLY A 63 -47.56 -0.33 -10.34
CA GLY A 63 -48.11 -1.27 -11.30
C GLY A 63 -47.04 -1.83 -12.21
N LEU A 64 -46.16 -0.96 -12.71
CA LEU A 64 -45.06 -1.44 -13.53
C LEU A 64 -44.14 -2.35 -12.74
N GLY A 65 -43.99 -2.11 -11.44
CA GLY A 65 -43.20 -3.01 -10.61
C GLY A 65 -43.84 -4.38 -10.49
N LEU A 66 -45.17 -4.42 -10.39
CA LEU A 66 -45.86 -5.70 -10.41
C LEU A 66 -45.57 -6.44 -11.71
N LEU A 67 -45.68 -5.73 -12.84
CA LEU A 67 -45.37 -6.37 -14.12
C LEU A 67 -43.93 -6.86 -14.17
N ASP A 68 -43.00 -6.05 -13.67
CA ASP A 68 -41.59 -6.41 -13.70
C ASP A 68 -41.33 -7.65 -12.86
N HIS A 69 -41.94 -7.73 -11.68
CA HIS A 69 -41.79 -8.93 -10.87
C HIS A 69 -42.38 -10.14 -11.57
N ALA A 70 -43.54 -9.98 -12.19
CA ALA A 70 -44.16 -11.10 -12.88
C ALA A 70 -43.26 -11.64 -13.98
N VAL A 71 -42.75 -10.75 -14.83
CA VAL A 71 -41.92 -11.20 -15.94
C VAL A 71 -40.56 -11.70 -15.45
N LYS A 72 -40.03 -11.08 -14.41
CA LYS A 72 -38.66 -11.31 -13.98
C LYS A 72 -38.51 -12.47 -13.00
N LYS A 73 -39.61 -12.99 -12.45
CA LYS A 73 -39.54 -14.00 -11.42
C LYS A 73 -40.49 -15.17 -11.63
N ASN A 74 -41.40 -15.10 -12.60
CA ASN A 74 -42.35 -16.18 -12.86
C ASN A 74 -42.41 -16.54 -14.33
N TRP A 75 -41.42 -16.14 -15.12
CA TRP A 75 -41.52 -16.34 -16.56
C TRP A 75 -41.63 -17.82 -16.92
N ASN A 76 -40.86 -18.67 -16.24
CA ASN A 76 -40.90 -20.09 -16.55
C ASN A 76 -42.29 -20.67 -16.32
N ASP A 77 -42.97 -20.22 -15.27
CA ASP A 77 -44.27 -20.79 -14.95
C ASP A 77 -45.28 -20.54 -16.05
N TYR A 78 -45.30 -19.34 -16.61
CA TYR A 78 -46.32 -18.99 -17.58
C TYR A 78 -46.20 -19.85 -18.83
N ASP A 79 -47.35 -20.13 -19.44
CA ASP A 79 -47.39 -20.81 -20.72
C ASP A 79 -47.13 -19.81 -21.84
N GLU A 80 -47.16 -20.29 -23.08
CA GLU A 80 -46.90 -19.40 -24.22
C GLU A 80 -47.97 -18.33 -24.34
N GLY A 81 -49.24 -18.69 -24.09
CA GLY A 81 -50.29 -17.70 -24.17
C GLY A 81 -50.10 -16.57 -23.18
N LYS A 82 -49.78 -16.92 -21.93
CA LYS A 82 -49.55 -15.90 -20.92
C LYS A 82 -48.33 -15.05 -21.24
N ARG A 83 -47.28 -15.67 -21.80
CA ARG A 83 -46.10 -14.91 -22.18
C ARG A 83 -46.42 -13.91 -23.29
N VAL A 84 -47.19 -14.33 -24.29
CA VAL A 84 -47.61 -13.41 -25.33
C VAL A 84 -48.46 -12.30 -24.74
N ALA A 85 -49.33 -12.64 -23.78
CA ALA A 85 -50.15 -11.62 -23.14
C ALA A 85 -49.29 -10.60 -22.40
N LEU A 86 -48.27 -11.06 -21.68
CA LEU A 86 -47.38 -10.15 -20.98
C LEU A 86 -46.63 -9.25 -21.96
N ARG A 87 -46.14 -9.83 -23.06
CA ARG A 87 -45.47 -9.02 -24.06
C ARG A 87 -46.40 -7.97 -24.64
N LYS A 88 -47.65 -8.35 -24.90
CA LYS A 88 -48.63 -7.42 -25.44
C LYS A 88 -48.91 -6.29 -24.45
N TRP A 89 -49.04 -6.63 -23.16
CA TRP A 89 -49.27 -5.60 -22.16
C TRP A 89 -48.08 -4.65 -22.06
N VAL A 90 -46.87 -5.19 -22.07
CA VAL A 90 -45.69 -4.34 -21.99
C VAL A 90 -45.61 -3.41 -23.19
N MET A 91 -45.86 -3.95 -24.39
CA MET A 91 -45.83 -3.11 -25.58
C MET A 91 -46.91 -2.04 -25.52
N GLU A 92 -48.11 -2.39 -25.04
CA GLU A 92 -49.17 -1.41 -24.94
C GLU A 92 -48.83 -0.30 -23.98
N LEU A 93 -48.21 -0.64 -22.85
CA LEU A 93 -47.78 0.39 -21.91
C LEU A 93 -46.69 1.27 -22.52
N ASN A 94 -45.73 0.67 -23.21
CA ASN A 94 -44.65 1.45 -23.81
C ASN A 94 -45.19 2.41 -24.86
N PHE A 95 -46.09 1.94 -25.71
CA PHE A 95 -46.64 2.80 -26.75
C PHE A 95 -47.49 3.94 -26.20
N GLY A 96 -47.96 3.81 -24.97
CA GLY A 96 -48.77 4.84 -24.35
C GLY A 96 -47.99 5.92 -23.63
N VAL A 97 -46.66 5.91 -23.74
CA VAL A 97 -45.86 6.91 -23.04
C VAL A 97 -46.23 8.30 -23.54
N GLN A 98 -46.20 9.27 -22.63
CA GLN A 98 -46.58 10.64 -22.94
C GLN A 98 -45.59 11.60 -22.30
N ASP A 99 -45.80 12.88 -22.53
CA ASP A 99 -44.88 13.90 -22.01
C ASP A 99 -44.94 14.03 -20.50
N TYR A 100 -46.04 13.60 -19.87
CA TYR A 100 -46.18 13.74 -18.42
C TYR A 100 -45.55 12.59 -17.65
N ASP A 101 -45.07 11.55 -18.33
CA ASP A 101 -44.42 10.44 -17.64
C ASP A 101 -43.05 10.88 -17.16
N THR A 102 -42.82 10.73 -15.85
CA THR A 102 -41.53 11.11 -15.30
C THR A 102 -40.43 10.23 -15.86
N ARG A 103 -39.19 10.66 -15.66
CA ARG A 103 -38.07 9.92 -16.21
C ARG A 103 -38.03 8.50 -15.66
N TYR A 104 -38.26 8.33 -14.37
CA TYR A 104 -38.16 7.00 -13.79
C TYR A 104 -39.29 6.08 -14.22
N ILE A 105 -40.39 6.64 -14.72
CA ILE A 105 -41.42 5.80 -15.34
C ILE A 105 -40.94 5.26 -16.67
N LYS A 106 -40.33 6.12 -17.49
CA LYS A 106 -39.82 5.66 -18.79
C LYS A 106 -38.72 4.63 -18.61
N GLU A 107 -37.87 4.81 -17.61
CA GLU A 107 -36.85 3.82 -17.33
C GLU A 107 -37.48 2.47 -17.00
N LYS A 108 -38.54 2.46 -16.20
CA LYS A 108 -39.19 1.20 -15.84
C LYS A 108 -39.86 0.57 -17.05
N LEU A 109 -40.49 1.37 -17.89
CA LEU A 109 -41.10 0.81 -19.10
C LEU A 109 -40.04 0.18 -19.99
N ALA A 110 -38.90 0.85 -20.16
CA ALA A 110 -37.82 0.28 -20.95
C ALA A 110 -37.31 -1.01 -20.31
N THR A 111 -37.23 -1.03 -18.97
CA THR A 111 -36.80 -2.25 -18.30
C THR A 111 -37.75 -3.40 -18.59
N LEU A 112 -39.05 -3.14 -18.54
CA LEU A 112 -40.02 -4.19 -18.86
C LEU A 112 -39.82 -4.69 -20.29
N TRP A 113 -39.70 -3.77 -21.23
CA TRP A 113 -39.52 -4.16 -22.63
C TRP A 113 -38.29 -5.03 -22.79
N VAL A 114 -37.17 -4.62 -22.19
CA VAL A 114 -35.93 -5.35 -22.35
C VAL A 114 -36.01 -6.70 -21.66
N GLU A 115 -36.68 -6.77 -20.50
CA GLU A 115 -36.80 -8.05 -19.81
C GLU A 115 -37.60 -9.04 -20.61
N VAL A 116 -38.65 -8.58 -21.29
CA VAL A 116 -39.40 -9.48 -22.16
C VAL A 116 -38.54 -9.87 -23.37
N ALA A 117 -37.83 -8.91 -23.96
CA ALA A 117 -37.06 -9.21 -25.16
C ALA A 117 -35.96 -10.22 -24.90
N LYS A 118 -35.24 -10.07 -23.78
CA LYS A 118 -34.15 -10.99 -23.47
C LYS A 118 -34.63 -12.43 -23.45
N ARG A 119 -35.89 -12.65 -23.04
CA ARG A 119 -36.40 -13.99 -22.85
C ARG A 119 -37.19 -14.52 -24.04
N THR A 120 -37.66 -13.64 -24.93
CA THR A 120 -38.49 -14.10 -26.04
C THR A 120 -37.99 -13.71 -27.42
N TRP A 121 -36.99 -12.84 -27.55
CA TRP A 121 -36.59 -12.30 -28.84
C TRP A 121 -35.66 -13.27 -29.54
N GLY A 122 -36.11 -13.83 -30.66
CA GLY A 122 -35.23 -14.60 -31.52
C GLY A 122 -35.05 -16.05 -31.14
N GLU A 123 -35.83 -16.57 -30.20
CA GLU A 123 -35.64 -17.98 -29.82
C GLU A 123 -36.09 -18.92 -30.93
N ALA A 124 -37.01 -18.47 -31.79
CA ALA A 124 -37.45 -19.32 -32.89
C ALA A 124 -36.33 -19.55 -33.90
N LEU A 125 -35.39 -18.63 -33.99
CA LEU A 125 -34.29 -18.80 -34.94
C LEU A 125 -33.45 -20.02 -34.62
N LYS A 126 -33.48 -20.50 -33.38
CA LYS A 126 -32.72 -21.71 -33.04
C LYS A 126 -33.20 -22.91 -33.85
N GLN A 127 -34.42 -22.87 -34.37
CA GLN A 127 -34.94 -23.93 -35.22
C GLN A 127 -34.57 -23.66 -36.68
N THR A 128 -35.01 -24.55 -37.56
CA THR A 128 -34.80 -24.42 -38.99
C THR A 128 -36.14 -24.13 -39.66
N ASN A 129 -36.17 -23.13 -40.53
CA ASN A 129 -37.37 -22.67 -41.24
C ASN A 129 -38.58 -22.65 -40.30
N PRO A 130 -38.52 -21.87 -39.23
CA PRO A 130 -39.62 -21.86 -38.27
C PRO A 130 -40.91 -21.34 -38.89
N THR A 131 -42.03 -21.84 -38.38
CA THR A 131 -43.34 -21.47 -38.89
C THR A 131 -43.70 -20.05 -38.46
N GLU A 132 -44.82 -19.56 -39.00
CA GLU A 132 -45.28 -18.23 -38.62
C GLU A 132 -45.57 -18.16 -37.13
N GLU A 133 -46.21 -19.18 -36.58
CA GLU A 133 -46.48 -19.18 -35.15
C GLU A 133 -45.19 -19.13 -34.35
N GLN A 134 -44.18 -19.90 -34.75
CA GLN A 134 -42.91 -19.90 -34.03
C GLN A 134 -42.26 -18.52 -34.07
N LEU A 135 -42.30 -17.86 -35.23
CA LEU A 135 -41.74 -16.52 -35.32
C LEU A 135 -42.47 -15.55 -34.40
N LEU A 136 -43.80 -15.59 -34.41
CA LEU A 136 -44.56 -14.69 -33.54
C LEU A 136 -44.26 -14.95 -32.09
N THR A 137 -44.15 -16.22 -31.70
CA THR A 137 -43.78 -16.54 -30.33
C THR A 137 -42.38 -16.03 -29.99
N SER A 138 -41.56 -15.76 -31.01
CA SER A 138 -40.20 -15.27 -30.80
C SER A 138 -40.09 -13.77 -30.99
N TRP A 139 -41.21 -13.06 -31.07
CA TRP A 139 -41.22 -11.61 -31.21
C TRP A 139 -40.47 -11.19 -32.47
N VAL A 140 -40.88 -11.76 -33.60
CA VAL A 140 -40.25 -11.44 -34.87
C VAL A 140 -40.38 -9.97 -35.20
N ASP A 141 -41.37 -9.30 -34.62
CA ASP A 141 -41.69 -7.92 -34.99
C ASP A 141 -41.08 -6.91 -34.04
N MET A 142 -40.14 -7.32 -33.18
CA MET A 142 -39.62 -6.41 -32.17
C MET A 142 -38.99 -5.19 -32.80
N ASP A 143 -38.11 -5.39 -33.79
CA ASP A 143 -37.44 -4.24 -34.41
C ASP A 143 -38.43 -3.33 -35.10
N ASN A 144 -39.43 -3.91 -35.78
CA ASN A 144 -40.44 -3.09 -36.43
C ASN A 144 -41.21 -2.28 -35.39
N ASN A 145 -41.54 -2.89 -34.26
CA ASN A 145 -42.23 -2.16 -33.20
C ASN A 145 -41.36 -1.02 -32.67
N LEU A 146 -40.08 -1.28 -32.45
CA LEU A 146 -39.19 -0.25 -31.95
C LEU A 146 -39.11 0.91 -32.92
N PHE A 147 -39.00 0.62 -34.22
CA PHE A 147 -39.01 1.69 -35.20
C PHE A 147 -40.34 2.44 -35.18
N GLU A 148 -41.44 1.71 -34.99
CA GLU A 148 -42.73 2.36 -34.81
C GLU A 148 -42.74 3.21 -33.56
N LEU A 149 -42.20 2.69 -32.45
CA LEU A 149 -42.12 3.45 -31.22
C LEU A 149 -41.24 4.69 -31.38
N TRP A 150 -40.31 4.67 -32.33
CA TRP A 150 -39.40 5.78 -32.54
C TRP A 150 -40.08 7.00 -33.16
N ASN A 151 -41.29 6.84 -33.71
CA ASN A 151 -41.96 7.92 -34.42
C ASN A 151 -43.24 8.40 -33.76
N ILE A 152 -43.66 7.79 -32.66
CA ILE A 152 -44.95 8.14 -32.07
C ILE A 152 -44.95 9.60 -31.61
N ASN A 153 -43.95 9.98 -30.85
CA ASN A 153 -43.79 11.37 -30.44
C ASN A 153 -42.42 11.51 -29.78
N GLN A 154 -42.13 12.71 -29.27
CA GLN A 154 -40.81 12.98 -28.70
C GLN A 154 -40.57 12.14 -27.45
N SER A 155 -41.59 12.00 -26.60
CA SER A 155 -41.40 11.22 -25.38
C SER A 155 -41.08 9.77 -25.69
N SER A 156 -41.77 9.19 -26.68
CA SER A 156 -41.48 7.81 -27.07
C SER A 156 -40.07 7.69 -27.62
N ARG A 157 -39.60 8.70 -28.36
CA ARG A 157 -38.27 8.64 -28.92
C ARG A 157 -37.22 8.54 -27.82
N GLU A 158 -37.41 9.28 -26.73
CA GLU A 158 -36.53 9.12 -25.57
C GLU A 158 -36.66 7.70 -25.01
N LEU A 159 -37.88 7.19 -24.93
CA LEU A 159 -38.09 5.85 -24.40
C LEU A 159 -37.39 4.80 -25.24
N ALA A 160 -37.44 4.94 -26.56
CA ALA A 160 -36.74 3.98 -27.41
C ALA A 160 -35.24 4.03 -27.16
N LEU A 161 -34.70 5.22 -26.95
CA LEU A 161 -33.28 5.33 -26.65
C LEU A 161 -32.95 4.64 -25.33
N ILE A 162 -33.82 4.78 -24.33
CA ILE A 162 -33.60 4.08 -23.07
C ILE A 162 -33.64 2.57 -23.30
N ILE A 163 -34.57 2.11 -24.12
CA ILE A 163 -34.69 0.68 -24.39
C ILE A 163 -33.41 0.17 -25.01
N PHE A 164 -32.90 0.88 -26.01
CA PHE A 164 -31.66 0.45 -26.66
C PHE A 164 -30.49 0.47 -25.69
N ARG A 165 -30.39 1.52 -24.87
CA ARG A 165 -29.31 1.58 -23.90
C ARG A 165 -29.35 0.37 -22.99
N ILE A 166 -30.51 0.07 -22.42
CA ILE A 166 -30.61 -1.05 -21.49
C ILE A 166 -30.31 -2.37 -22.20
N LEU A 167 -30.87 -2.54 -23.39
CA LEU A 167 -30.68 -3.79 -24.12
C LEU A 167 -29.21 -4.04 -24.40
N PHE A 168 -28.53 -3.06 -24.99
CA PHE A 168 -27.12 -3.27 -25.33
C PHE A 168 -26.25 -3.34 -24.09
N GLU A 169 -26.64 -2.65 -23.01
CA GLU A 169 -25.87 -2.73 -21.78
C GLU A 169 -25.96 -4.13 -21.17
N ASP A 170 -27.15 -4.72 -21.18
CA ASP A 170 -27.32 -6.06 -20.64
C ASP A 170 -26.66 -7.10 -21.53
N VAL A 171 -26.91 -7.01 -22.84
CA VAL A 171 -26.47 -8.07 -23.74
C VAL A 171 -24.95 -8.14 -23.78
N PHE A 172 -24.27 -7.00 -23.84
CA PHE A 172 -22.84 -6.94 -24.08
C PHE A 172 -22.04 -6.50 -22.87
N LEU A 173 -22.35 -5.33 -22.31
CA LEU A 173 -21.50 -4.79 -21.24
C LEU A 173 -21.66 -5.59 -19.95
N LEU A 174 -22.89 -5.93 -19.59
CA LEU A 174 -23.15 -6.59 -18.31
C LEU A 174 -23.16 -8.10 -18.48
N ASP A 175 -22.87 -8.79 -17.38
CA ASP A 175 -22.83 -10.25 -17.35
C ASP A 175 -24.17 -10.81 -16.85
N ASP A 176 -25.23 -10.47 -17.57
CA ASP A 176 -26.55 -10.99 -17.23
C ASP A 176 -26.62 -12.49 -17.56
N LEU A 177 -27.33 -13.23 -16.72
CA LEU A 177 -27.37 -14.69 -16.84
C LEU A 177 -28.27 -15.14 -17.98
N ILE A 178 -29.44 -14.53 -18.12
CA ILE A 178 -30.37 -14.97 -19.17
C ILE A 178 -29.73 -14.79 -20.54
N VAL A 179 -29.16 -13.61 -20.78
CA VAL A 179 -28.48 -13.39 -22.04
C VAL A 179 -27.24 -14.26 -22.13
N LEU A 180 -26.65 -14.64 -20.99
CA LEU A 180 -25.52 -15.56 -21.06
C LEU A 180 -25.92 -16.87 -21.71
N LYS A 181 -27.13 -17.35 -21.41
CA LYS A 181 -27.62 -18.57 -22.04
C LYS A 181 -28.06 -18.32 -23.47
N ARG A 182 -28.63 -17.15 -23.75
CA ARG A 182 -29.20 -16.86 -25.06
C ARG A 182 -28.21 -16.18 -26.00
N MET A 183 -26.94 -16.08 -25.62
CA MET A 183 -25.97 -15.28 -26.35
C MET A 183 -25.94 -15.61 -27.82
N THR A 184 -25.86 -16.90 -28.16
CA THR A 184 -25.57 -17.28 -29.54
C THR A 184 -26.59 -16.72 -30.52
N VAL A 185 -27.80 -16.44 -30.05
CA VAL A 185 -28.85 -15.91 -30.92
C VAL A 185 -29.20 -14.46 -30.58
N ILE A 186 -28.86 -13.98 -29.39
CA ILE A 186 -29.12 -12.58 -29.08
C ILE A 186 -28.05 -11.69 -29.70
N GLN A 187 -26.78 -11.99 -29.43
CA GLN A 187 -25.72 -11.09 -29.89
C GLN A 187 -25.72 -10.92 -31.40
N PRO A 188 -25.84 -11.96 -32.21
CA PRO A 188 -26.00 -11.73 -33.65
C PRO A 188 -27.21 -10.90 -33.99
N LEU A 189 -28.30 -11.01 -33.23
CA LEU A 189 -29.48 -10.22 -33.53
C LEU A 189 -29.25 -8.74 -33.27
N CYS A 190 -28.64 -8.40 -32.14
CA CYS A 190 -28.38 -7.00 -31.84
C CYS A 190 -27.50 -6.37 -32.91
N VAL A 191 -26.47 -7.10 -33.35
CA VAL A 191 -25.62 -6.59 -34.43
C VAL A 191 -26.42 -6.45 -35.71
N MET A 192 -27.36 -7.36 -35.94
CA MET A 192 -28.13 -7.32 -37.19
C MET A 192 -28.96 -6.05 -37.30
N ILE A 193 -29.63 -5.66 -36.22
CA ILE A 193 -30.57 -4.55 -36.31
C ILE A 193 -29.83 -3.24 -36.57
N VAL A 194 -28.64 -3.07 -36.00
CA VAL A 194 -27.93 -1.81 -36.14
C VAL A 194 -27.19 -1.75 -37.47
N CYS A 195 -26.57 -2.85 -37.88
CA CYS A 195 -25.78 -2.84 -39.10
C CYS A 195 -26.68 -2.89 -40.34
N PRO A 196 -26.26 -2.26 -41.43
CA PRO A 196 -27.01 -2.41 -42.68
C PRO A 196 -27.00 -3.86 -43.14
N ILE A 197 -28.04 -4.23 -43.89
CA ILE A 197 -28.23 -5.64 -44.24
C ILE A 197 -27.03 -6.16 -45.03
N GLU A 198 -26.60 -5.41 -46.05
CA GLU A 198 -25.50 -5.88 -46.88
C GLU A 198 -24.21 -5.99 -46.07
N VAL A 199 -23.96 -5.01 -45.20
CA VAL A 199 -22.77 -5.07 -44.35
C VAL A 199 -22.84 -6.28 -43.43
N PHE A 200 -24.02 -6.56 -42.89
CA PHE A 200 -24.16 -7.70 -41.99
C PHE A 200 -23.85 -9.00 -42.70
N ALA A 201 -24.28 -9.14 -43.96
CA ALA A 201 -24.04 -10.37 -44.68
C ALA A 201 -22.56 -10.65 -44.84
N ILE A 202 -21.73 -9.61 -44.87
CA ILE A 202 -20.29 -9.80 -45.06
C ILE A 202 -19.70 -10.59 -43.91
N LYS A 203 -19.98 -10.18 -42.67
CA LYS A 203 -19.40 -10.84 -41.52
C LYS A 203 -20.07 -12.16 -41.22
N TYR A 204 -21.39 -12.24 -41.39
CA TYR A 204 -22.17 -13.40 -41.00
C TYR A 204 -22.76 -14.08 -42.22
N LYS A 205 -22.83 -15.41 -42.15
CA LYS A 205 -23.31 -16.26 -43.24
C LYS A 205 -24.75 -16.70 -43.03
N PHE A 206 -25.48 -16.07 -42.11
CA PHE A 206 -26.77 -16.58 -41.69
C PHE A 206 -27.79 -16.52 -42.84
N SER A 207 -28.78 -17.40 -42.75
CA SER A 207 -29.71 -17.64 -43.84
C SER A 207 -30.75 -16.51 -43.89
N ASP A 208 -31.79 -16.71 -44.70
CA ASP A 208 -32.79 -15.67 -44.92
C ASP A 208 -33.75 -15.52 -43.75
N LYS A 209 -33.99 -16.58 -42.99
CA LYS A 209 -34.96 -16.49 -41.90
C LYS A 209 -34.63 -15.36 -40.95
N TRP A 210 -33.35 -15.02 -40.81
CA TRP A 210 -32.96 -13.90 -39.96
C TRP A 210 -33.51 -12.59 -40.50
N THR A 211 -33.58 -12.45 -41.82
CA THR A 211 -34.01 -11.19 -42.41
C THR A 211 -35.41 -10.80 -41.92
N LYS A 212 -36.23 -11.76 -41.54
CA LYS A 212 -37.56 -11.45 -41.04
C LYS A 212 -37.52 -10.66 -39.76
N PHE A 213 -36.46 -10.78 -38.98
CA PHE A 213 -36.34 -10.09 -37.69
C PHE A 213 -35.86 -8.66 -37.81
N LYS A 214 -35.50 -8.20 -39.01
CA LYS A 214 -34.97 -6.87 -39.24
C LYS A 214 -35.97 -6.08 -40.07
N ALA A 215 -36.34 -4.90 -39.57
CA ALA A 215 -37.33 -4.05 -40.26
C ALA A 215 -36.67 -3.03 -41.16
N ASN A 216 -35.85 -2.15 -40.58
CA ASN A 216 -35.21 -1.08 -41.34
C ASN A 216 -33.99 -1.65 -42.05
N GLU A 217 -34.05 -1.70 -43.38
CA GLU A 217 -32.96 -2.28 -44.15
C GLU A 217 -31.64 -1.56 -43.94
N GLU A 218 -31.68 -0.29 -43.53
CA GLU A 218 -30.49 0.52 -43.40
C GLU A 218 -29.88 0.49 -42.00
N GLY A 219 -30.45 -0.27 -41.08
CA GLY A 219 -29.93 -0.33 -39.73
C GLY A 219 -30.35 0.87 -38.91
N TRP A 220 -29.84 0.90 -37.68
CA TRP A 220 -30.20 1.95 -36.72
C TRP A 220 -29.18 3.08 -36.68
N PHE A 221 -27.88 2.78 -36.80
CA PHE A 221 -26.89 3.84 -36.79
C PHE A 221 -27.23 4.92 -37.81
N SER A 222 -27.72 4.51 -38.98
CA SER A 222 -28.17 5.47 -39.98
C SER A 222 -29.37 6.26 -39.52
N VAL A 223 -29.93 5.95 -38.36
CA VAL A 223 -31.00 6.74 -37.76
C VAL A 223 -30.48 7.60 -36.62
N TRP A 224 -29.66 7.04 -35.74
CA TRP A 224 -29.14 7.79 -34.61
C TRP A 224 -28.20 8.88 -35.06
N ILE A 225 -27.20 8.54 -35.88
CA ILE A 225 -26.15 9.50 -36.21
C ILE A 225 -26.71 10.73 -36.90
N PRO A 226 -27.58 10.62 -37.91
CA PRO A 226 -28.21 11.84 -38.44
C PRO A 226 -28.95 12.63 -37.37
N GLU A 227 -29.63 11.94 -36.46
CA GLU A 227 -30.32 12.64 -35.38
C GLU A 227 -29.33 13.36 -34.48
N LEU A 228 -28.19 12.73 -34.18
CA LEU A 228 -27.20 13.38 -33.34
C LEU A 228 -26.63 14.62 -34.02
N ASN A 229 -26.32 14.52 -35.32
CA ASN A 229 -25.81 15.68 -36.04
C ASN A 229 -26.84 16.80 -36.08
N ASN A 230 -28.10 16.42 -36.31
CA ASN A 230 -29.18 17.42 -36.42
C ASN A 230 -29.39 18.08 -35.05
N ALA A 231 -29.26 17.35 -33.94
CA ALA A 231 -29.37 17.92 -32.61
C ALA A 231 -28.21 18.85 -32.31
N LEU A 232 -26.99 18.46 -32.73
CA LEU A 232 -25.84 19.34 -32.55
C LEU A 232 -26.04 20.65 -33.30
N GLN A 233 -26.55 20.58 -34.53
CA GLN A 233 -26.81 21.80 -35.29
C GLN A 233 -27.84 22.68 -34.56
N GLN A 234 -28.89 22.07 -34.03
CA GLN A 234 -29.91 22.81 -33.30
C GLN A 234 -29.50 23.10 -31.86
N ASN A 235 -28.37 22.57 -31.41
CA ASN A 235 -27.88 22.85 -30.05
C ASN A 235 -28.89 22.41 -29.00
N ASN A 236 -29.52 21.26 -29.24
CA ASN A 236 -30.48 20.68 -28.30
C ASN A 236 -29.70 19.86 -27.29
N SER A 237 -29.46 20.43 -26.10
CA SER A 237 -28.55 19.80 -25.15
C SER A 237 -29.11 18.48 -24.64
N GLU A 238 -30.36 18.48 -24.19
CA GLU A 238 -30.91 17.26 -23.58
C GLU A 238 -30.96 16.11 -24.58
N TYR A 239 -31.42 16.39 -25.81
CA TYR A 239 -31.49 15.34 -26.81
C TYR A 239 -30.09 14.82 -27.15
N ILE A 240 -29.11 15.72 -27.21
CA ILE A 240 -27.74 15.30 -27.46
C ILE A 240 -27.26 14.37 -26.36
N ILE A 241 -27.56 14.72 -25.11
CA ILE A 241 -27.12 13.89 -23.99
C ILE A 241 -27.77 12.52 -24.06
N ARG A 242 -29.07 12.46 -24.37
CA ARG A 242 -29.75 11.17 -24.46
C ARG A 242 -29.15 10.32 -25.58
N LEU A 243 -28.92 10.93 -26.75
CA LEU A 243 -28.35 10.18 -27.85
C LEU A 243 -26.97 9.66 -27.51
N LEU A 244 -26.15 10.47 -26.85
CA LEU A 244 -24.83 10.00 -26.45
C LEU A 244 -24.93 8.87 -25.44
N GLU A 245 -25.87 8.96 -24.49
CA GLU A 245 -26.04 7.90 -23.53
C GLU A 245 -26.36 6.58 -24.23
N THR A 246 -27.33 6.60 -25.16
CA THR A 246 -27.64 5.39 -25.89
C THR A 246 -26.51 5.01 -26.83
N LEU A 247 -25.89 6.00 -27.48
CA LEU A 247 -24.85 5.73 -28.45
C LEU A 247 -23.55 5.27 -27.79
N LYS A 248 -23.34 5.62 -26.52
CA LYS A 248 -22.10 5.24 -25.84
C LYS A 248 -22.00 3.76 -25.59
N THR A 249 -23.13 3.04 -25.53
CA THR A 249 -23.12 1.62 -25.25
C THR A 249 -23.11 0.76 -26.51
N CYS A 250 -23.23 1.35 -27.69
CA CYS A 250 -23.30 0.58 -28.91
C CYS A 250 -22.16 0.93 -29.86
N LEU A 251 -20.95 1.03 -29.32
CA LEU A 251 -19.77 1.30 -30.12
C LEU A 251 -18.70 0.23 -30.00
N ASN A 252 -18.61 -0.46 -28.88
CA ASN A 252 -17.57 -1.47 -28.73
C ASN A 252 -17.83 -2.68 -29.63
N TRP A 253 -19.05 -3.20 -29.60
CA TRP A 253 -19.37 -4.45 -30.26
C TRP A 253 -19.67 -4.36 -31.75
N PRO A 254 -20.39 -3.35 -32.24
CA PRO A 254 -20.88 -3.40 -33.62
C PRO A 254 -19.75 -3.60 -34.63
N LEU A 255 -20.12 -4.03 -35.82
CA LEU A 255 -19.16 -4.17 -36.90
C LEU A 255 -18.53 -2.82 -37.21
N THR A 256 -17.21 -2.81 -37.35
CA THR A 256 -16.50 -1.54 -37.56
C THR A 256 -17.02 -0.81 -38.79
N GLU A 257 -17.49 -1.54 -39.79
CA GLU A 257 -17.94 -0.90 -41.02
C GLU A 257 -19.05 0.10 -40.74
N VAL A 258 -19.87 -0.14 -39.72
CA VAL A 258 -20.93 0.79 -39.37
C VAL A 258 -20.34 2.08 -38.80
N ILE A 259 -19.31 1.95 -37.97
CA ILE A 259 -18.69 3.13 -37.38
C ILE A 259 -18.14 4.04 -38.46
N VAL A 260 -17.42 3.46 -39.42
CA VAL A 260 -16.78 4.27 -40.46
C VAL A 260 -17.83 4.85 -41.41
N ARG A 261 -18.79 4.03 -41.83
CA ARG A 261 -19.71 4.45 -42.88
C ARG A 261 -20.51 5.68 -42.46
N ASN A 262 -20.98 5.69 -41.22
CA ASN A 262 -21.74 6.83 -40.71
C ASN A 262 -20.87 7.94 -40.16
N ASP A 263 -19.56 7.72 -40.13
CA ASP A 263 -18.63 8.75 -39.62
C ASP A 263 -19.11 9.10 -38.22
N VAL A 264 -19.06 8.15 -37.29
CA VAL A 264 -19.43 8.40 -35.90
C VAL A 264 -18.42 9.32 -35.24
N LEU A 265 -17.13 9.10 -35.52
CA LEU A 265 -16.10 9.84 -34.81
C LEU A 265 -16.20 11.34 -35.06
N SER A 266 -16.59 11.74 -36.27
CA SER A 266 -16.79 13.17 -36.52
C SER A 266 -17.89 13.72 -35.64
N SER A 267 -18.98 12.97 -35.48
CA SER A 267 -20.07 13.41 -34.61
C SER A 267 -19.59 13.50 -33.17
N LEU A 268 -18.78 12.55 -32.72
CA LEU A 268 -18.26 12.60 -31.35
C LEU A 268 -17.37 13.82 -31.16
N LEU A 269 -16.52 14.12 -32.14
CA LEU A 269 -15.67 15.31 -32.02
C LEU A 269 -16.52 16.57 -31.98
N THR A 270 -17.56 16.64 -32.81
CA THR A 270 -18.44 17.80 -32.80
C THR A 270 -19.12 17.95 -31.44
N CYS A 271 -19.59 16.85 -30.87
CA CYS A 271 -20.12 16.88 -29.51
C CYS A 271 -19.08 17.43 -28.55
N LEU A 272 -17.84 16.97 -28.69
CA LEU A 272 -16.78 17.39 -27.78
C LEU A 272 -16.56 18.90 -27.86
N SER A 273 -16.60 19.46 -29.06
CA SER A 273 -16.41 20.90 -29.20
C SER A 273 -17.51 21.69 -28.51
N SER A 274 -18.72 21.13 -28.45
CA SER A 274 -19.83 21.81 -27.78
C SER A 274 -19.53 21.97 -26.30
N ASN A 275 -20.02 23.07 -25.74
CA ASN A 275 -19.76 23.39 -24.33
C ASN A 275 -20.87 22.86 -23.43
N ILE A 276 -21.15 21.57 -23.54
CA ILE A 276 -22.14 20.88 -22.71
C ILE A 276 -21.41 19.82 -21.89
N PRO A 277 -21.18 20.07 -20.60
CA PRO A 277 -20.32 19.17 -19.81
C PRO A 277 -20.68 17.70 -19.93
N ARG A 278 -21.96 17.35 -19.79
CA ARG A 278 -22.35 15.95 -19.92
C ARG A 278 -22.02 15.43 -21.30
N ALA A 279 -22.31 16.22 -22.34
CA ALA A 279 -22.00 15.79 -23.70
C ALA A 279 -20.51 15.60 -23.89
N GLN A 280 -19.70 16.52 -23.35
CA GLN A 280 -18.25 16.38 -23.48
C GLN A 280 -17.76 15.12 -22.77
N SER A 281 -18.27 14.85 -21.58
CA SER A 281 -17.83 13.67 -20.85
C SER A 281 -18.19 12.40 -21.61
N MET A 282 -19.42 12.32 -22.09
CA MET A 282 -19.82 11.12 -22.82
C MET A 282 -19.09 11.00 -24.15
N ALA A 283 -18.78 12.12 -24.80
CA ALA A 283 -18.01 12.05 -26.03
C ALA A 283 -16.60 11.55 -25.75
N LEU A 284 -15.99 11.97 -24.64
CA LEU A 284 -14.67 11.45 -24.30
C LEU A 284 -14.72 9.95 -24.02
N ASP A 285 -15.73 9.51 -23.27
CA ASP A 285 -15.86 8.08 -23.02
C ASP A 285 -16.03 7.31 -24.33
N SER A 286 -16.87 7.83 -25.23
CA SER A 286 -17.11 7.15 -26.49
C SER A 286 -15.87 7.13 -27.36
N ILE A 287 -15.10 8.22 -27.38
CA ILE A 287 -13.87 8.24 -28.16
C ILE A 287 -12.88 7.22 -27.60
N HIS A 288 -12.78 7.13 -26.29
CA HIS A 288 -11.89 6.14 -25.70
C HIS A 288 -12.34 4.73 -26.07
N ILE A 289 -13.64 4.48 -26.05
CA ILE A 289 -14.15 3.16 -26.44
C ILE A 289 -13.76 2.87 -27.88
N LEU A 290 -13.94 3.84 -28.77
CA LEU A 290 -13.60 3.63 -30.16
C LEU A 290 -12.11 3.36 -30.33
N LEU A 291 -11.28 4.03 -29.52
CA LEU A 291 -9.84 3.83 -29.64
C LEU A 291 -9.41 2.45 -29.15
N THR A 292 -9.98 1.99 -28.04
CA THR A 292 -9.52 0.76 -27.42
C THR A 292 -10.30 -0.48 -27.83
N ARG A 293 -11.40 -0.33 -28.56
CA ARG A 293 -12.19 -1.51 -28.92
C ARG A 293 -11.44 -2.36 -29.94
N PRO A 294 -11.69 -3.67 -29.95
CA PRO A 294 -11.03 -4.53 -30.94
C PRO A 294 -11.47 -4.17 -32.35
N TYR A 295 -10.52 -4.24 -33.29
CA TYR A 295 -10.77 -3.99 -34.70
C TYR A 295 -10.36 -5.22 -35.49
N SER A 296 -11.32 -5.79 -36.22
CA SER A 296 -10.99 -6.92 -37.09
C SER A 296 -10.25 -6.46 -38.33
N ASN A 297 -10.61 -5.29 -38.84
CA ASN A 297 -9.97 -4.71 -40.02
C ASN A 297 -9.14 -3.52 -39.56
N GLU A 298 -7.84 -3.58 -39.82
CA GLU A 298 -6.93 -2.55 -39.29
C GLU A 298 -6.98 -1.26 -40.08
N SER A 299 -7.49 -1.27 -41.31
CA SER A 299 -7.63 -0.01 -42.04
C SER A 299 -8.58 0.93 -41.30
N HIS A 300 -9.66 0.38 -40.73
CA HIS A 300 -10.58 1.21 -39.97
C HIS A 300 -9.92 1.77 -38.71
N TYR A 301 -9.09 0.97 -38.05
CA TYR A 301 -8.36 1.49 -36.90
C TYR A 301 -7.43 2.61 -37.30
N GLN A 302 -6.73 2.45 -38.43
CA GLN A 302 -5.89 3.52 -38.93
C GLN A 302 -6.71 4.78 -39.19
N MET A 303 -7.88 4.61 -39.79
CA MET A 303 -8.75 5.77 -40.04
C MET A 303 -9.13 6.45 -38.74
N THR A 304 -9.47 5.67 -37.72
CA THR A 304 -9.89 6.25 -36.45
C THR A 304 -8.76 7.04 -35.81
N ILE A 305 -7.56 6.45 -35.73
CA ILE A 305 -6.46 7.15 -35.07
C ILE A 305 -6.06 8.37 -35.87
N ASP A 306 -6.08 8.27 -37.20
CA ASP A 306 -5.76 9.44 -38.02
C ASP A 306 -6.78 10.55 -37.81
N ARG A 307 -8.06 10.19 -37.71
CA ARG A 307 -9.08 11.20 -37.48
C ARG A 307 -8.88 11.88 -36.13
N VAL A 308 -8.54 11.10 -35.10
CA VAL A 308 -8.32 11.70 -33.78
C VAL A 308 -7.11 12.63 -33.81
N PHE A 309 -6.02 12.19 -34.44
CA PHE A 309 -4.79 12.98 -34.39
C PHE A 309 -4.85 14.21 -35.31
N ASP A 310 -5.62 14.15 -36.39
CA ASP A 310 -5.78 15.33 -37.22
C ASP A 310 -6.52 16.45 -36.51
N ASN A 311 -7.16 16.16 -35.38
CA ASN A 311 -7.93 17.13 -34.62
C ASN A 311 -7.29 17.42 -33.27
N MET A 312 -5.97 17.58 -33.25
CA MET A 312 -5.30 17.93 -32.00
C MET A 312 -5.54 19.39 -31.65
N ASP A 313 -5.78 20.24 -32.64
CA ASP A 313 -6.17 21.62 -32.34
C ASP A 313 -7.51 21.65 -31.62
N LEU A 314 -8.46 20.84 -32.07
CA LEU A 314 -9.76 20.78 -31.41
C LEU A 314 -9.61 20.28 -29.99
N LEU A 315 -8.79 19.24 -29.78
CA LEU A 315 -8.61 18.73 -28.43
C LEU A 315 -7.93 19.75 -27.53
N ASP A 316 -6.95 20.48 -28.06
CA ASP A 316 -6.32 21.54 -27.29
C ASP A 316 -7.33 22.60 -26.90
N SER A 317 -8.19 22.99 -27.83
CA SER A 317 -9.21 23.99 -27.52
C SER A 317 -10.15 23.49 -26.45
N VAL A 318 -10.53 22.21 -26.53
CA VAL A 318 -11.41 21.63 -25.52
C VAL A 318 -10.75 21.68 -24.16
N TYR A 319 -9.47 21.31 -24.09
CA TYR A 319 -8.77 21.35 -22.81
C TYR A 319 -8.71 22.77 -22.27
N GLU A 320 -8.40 23.74 -23.14
CA GLU A 320 -8.36 25.12 -22.68
C GLU A 320 -9.71 25.55 -22.12
N SER A 321 -10.80 25.17 -22.79
CA SER A 321 -12.12 25.50 -22.28
C SER A 321 -12.34 24.86 -20.90
N LEU A 322 -11.93 23.61 -20.74
CA LEU A 322 -12.18 22.92 -19.48
C LEU A 322 -11.42 23.53 -18.32
N LEU A 323 -10.27 24.17 -18.58
CA LEU A 323 -9.47 24.70 -17.50
C LEU A 323 -10.25 25.74 -16.70
N PHE A 324 -9.89 25.87 -15.42
CA PHE A 324 -10.56 26.79 -14.52
C PHE A 324 -9.57 27.27 -13.48
N ASP A 325 -9.91 28.37 -12.83
CA ASP A 325 -9.08 28.91 -11.77
C ASP A 325 -9.35 28.17 -10.47
N PRO A 326 -8.37 27.47 -9.89
CA PRO A 326 -8.61 26.79 -8.61
C PRO A 326 -8.43 27.69 -7.39
N THR A 327 -8.01 28.95 -7.57
CA THR A 327 -7.73 29.80 -6.43
C THR A 327 -8.97 30.00 -5.56
N ASP A 328 -10.11 30.27 -6.19
CA ASP A 328 -11.34 30.50 -5.45
C ASP A 328 -11.96 29.18 -5.00
N ASP A 329 -12.34 28.34 -5.95
CA ASP A 329 -12.95 27.06 -5.66
C ASP A 329 -12.96 26.23 -6.93
N ILE A 330 -12.67 24.94 -6.80
CA ILE A 330 -12.56 24.10 -7.99
C ILE A 330 -13.95 23.81 -8.52
N ASP A 331 -14.13 23.98 -9.83
CA ASP A 331 -15.40 23.73 -10.48
C ASP A 331 -15.63 22.23 -10.54
N GLU A 332 -16.49 21.72 -9.66
CA GLU A 332 -16.71 20.28 -9.59
C GLU A 332 -17.45 19.73 -10.80
N THR A 333 -18.01 20.58 -11.65
CA THR A 333 -18.66 20.10 -12.87
C THR A 333 -17.67 19.87 -14.00
N LYS A 334 -16.47 20.45 -13.93
CA LYS A 334 -15.49 20.33 -14.99
C LYS A 334 -14.23 19.59 -14.58
N TYR A 335 -13.91 19.54 -13.29
CA TYR A 335 -12.73 18.82 -12.84
C TYR A 335 -12.79 17.35 -13.21
N PRO A 336 -13.90 16.64 -12.97
CA PRO A 336 -13.95 15.24 -13.43
C PRO A 336 -13.77 15.12 -14.93
N ILE A 337 -14.30 16.07 -15.69
CA ILE A 337 -14.13 16.04 -17.14
C ILE A 337 -12.67 16.26 -17.50
N ILE A 338 -11.98 17.14 -16.76
CA ILE A 338 -10.57 17.35 -17.03
C ILE A 338 -9.79 16.07 -16.78
N LYS A 339 -10.08 15.39 -15.68
CA LYS A 339 -9.39 14.13 -15.41
C LYS A 339 -9.69 13.12 -16.52
N LYS A 340 -10.95 13.05 -16.96
CA LYS A 340 -11.31 12.13 -18.03
C LYS A 340 -10.55 12.46 -19.31
N PHE A 341 -10.46 13.74 -19.66
CA PHE A 341 -9.78 14.16 -20.87
C PHE A 341 -8.31 13.80 -20.81
N VAL A 342 -7.66 14.12 -19.69
CA VAL A 342 -6.24 13.81 -19.57
C VAL A 342 -6.01 12.31 -19.63
N ASP A 343 -6.89 11.54 -19.00
CA ASP A 343 -6.75 10.10 -19.04
C ASP A 343 -6.88 9.57 -20.46
N MET A 344 -7.84 10.09 -21.22
CA MET A 344 -8.00 9.66 -22.60
C MET A 344 -6.78 10.04 -23.44
N ILE A 345 -6.25 11.24 -23.23
CA ILE A 345 -5.09 11.69 -24.00
C ILE A 345 -3.89 10.80 -23.71
N SER A 346 -3.67 10.43 -22.45
CA SER A 346 -2.49 9.68 -22.09
C SER A 346 -2.44 8.31 -22.75
N CYS A 347 -3.56 7.81 -23.26
CA CYS A 347 -3.58 6.52 -23.93
C CYS A 347 -3.31 6.63 -25.43
N LEU A 348 -3.23 7.84 -25.98
CA LEU A 348 -3.05 7.98 -27.42
C LEU A 348 -1.62 7.71 -27.86
N TYR A 349 -0.64 7.89 -26.98
CA TYR A 349 0.75 7.82 -27.42
C TYR A 349 1.09 6.47 -28.01
N VAL A 350 0.32 5.43 -27.69
CA VAL A 350 0.55 4.12 -28.29
C VAL A 350 0.39 4.20 -29.80
N CYS A 351 -0.48 5.09 -30.28
CA CYS A 351 -0.77 5.21 -31.69
C CYS A 351 0.20 6.10 -32.43
N VAL A 352 1.19 6.68 -31.76
CA VAL A 352 2.12 7.59 -32.42
C VAL A 352 2.86 6.91 -33.56
N PRO A 353 3.48 5.74 -33.38
CA PRO A 353 4.28 5.16 -34.47
C PRO A 353 3.47 4.82 -35.70
N LYS A 354 2.16 4.67 -35.59
CA LYS A 354 1.32 4.30 -36.71
C LYS A 354 0.85 5.50 -37.54
N ILE A 355 1.30 6.70 -37.22
CA ILE A 355 0.79 7.92 -37.82
C ILE A 355 1.90 8.58 -38.62
N LYS A 356 1.60 8.90 -39.88
CA LYS A 356 2.56 9.55 -40.77
C LYS A 356 2.42 11.05 -40.59
N GLU A 357 3.33 11.64 -39.82
CA GLU A 357 3.26 13.07 -39.53
C GLU A 357 3.31 13.87 -40.82
N THR A 358 2.19 14.52 -41.16
CA THR A 358 2.10 15.32 -42.36
C THR A 358 1.71 16.76 -42.11
N ASN A 359 1.12 17.06 -40.95
CA ASN A 359 0.74 18.42 -40.58
C ASN A 359 1.17 18.72 -39.15
N GLY A 360 2.25 18.10 -38.70
CA GLY A 360 2.71 18.28 -37.33
C GLY A 360 1.77 17.70 -36.31
N GLN A 361 1.12 16.58 -36.62
CA GLN A 361 0.19 15.98 -35.66
C GLN A 361 0.91 15.54 -34.40
N ILE A 362 2.07 14.89 -34.53
CA ILE A 362 2.75 14.35 -33.36
C ILE A 362 3.30 15.47 -32.49
N GLN A 363 3.83 16.52 -33.11
CA GLN A 363 4.32 17.65 -32.31
C GLN A 363 3.19 18.28 -31.52
N LYS A 364 2.03 18.48 -32.16
CA LYS A 364 0.90 19.06 -31.46
C LYS A 364 0.43 18.15 -30.34
N TYR A 365 0.42 16.83 -30.60
CA TYR A 365 -0.01 15.91 -29.55
C TYR A 365 0.91 15.97 -28.35
N PHE A 366 2.23 15.98 -28.57
CA PHE A 366 3.14 15.99 -27.44
C PHE A 366 3.11 17.34 -26.72
N LYS A 367 2.94 18.43 -27.45
CA LYS A 367 2.77 19.72 -26.79
C LYS A 367 1.51 19.73 -25.94
N LEU A 368 0.42 19.15 -26.44
CA LEU A 368 -0.80 19.08 -25.65
C LEU A 368 -0.61 18.22 -24.41
N VAL A 369 0.07 17.10 -24.55
CA VAL A 369 0.30 16.24 -23.39
C VAL A 369 1.14 16.97 -22.36
N LEU A 370 2.19 17.66 -22.80
CA LEU A 370 3.00 18.42 -21.87
C LEU A 370 2.18 19.50 -21.17
N LYS A 371 1.33 20.20 -21.94
CA LYS A 371 0.50 21.24 -21.34
C LYS A 371 -0.43 20.66 -20.29
N THR A 372 -1.02 19.50 -20.57
CA THR A 372 -1.83 18.84 -19.55
C THR A 372 -0.99 18.46 -18.34
N THR A 373 0.28 18.13 -18.55
CA THR A 373 1.13 17.78 -17.42
C THR A 373 1.31 18.96 -16.47
N TYR A 374 1.21 20.18 -16.98
CA TYR A 374 1.35 21.37 -16.14
C TYR A 374 0.12 21.63 -15.27
N ASN A 375 -0.89 20.78 -15.34
CA ASN A 375 -2.14 21.07 -14.65
C ASN A 375 -1.88 21.24 -13.15
N PRO A 376 -2.53 22.19 -12.49
CA PRO A 376 -2.25 22.39 -11.05
C PRO A 376 -2.48 21.14 -10.22
N SER A 377 -3.51 20.37 -10.52
CA SER A 377 -3.78 19.16 -9.76
C SER A 377 -2.69 18.14 -10.00
N LEU A 378 -2.26 17.48 -8.92
CA LEU A 378 -1.24 16.45 -9.06
C LEU A 378 -1.80 15.19 -9.70
N ILE A 379 -3.06 14.85 -9.40
CA ILE A 379 -3.66 13.68 -10.03
C ILE A 379 -3.75 13.87 -11.53
N VAL A 380 -4.17 15.05 -11.97
CA VAL A 380 -4.22 15.33 -13.40
C VAL A 380 -2.83 15.22 -14.01
N SER A 381 -1.83 15.80 -13.34
CA SER A 381 -0.46 15.66 -13.82
C SER A 381 -0.01 14.21 -13.75
N GLY A 382 -0.34 13.52 -12.66
CA GLY A 382 0.13 12.15 -12.48
C GLY A 382 -0.33 11.21 -13.57
N LEU A 383 -1.41 11.54 -14.26
CA LEU A 383 -1.89 10.67 -15.33
C LEU A 383 -0.87 10.59 -16.46
N THR A 384 -0.23 11.70 -16.79
CA THR A 384 0.70 11.74 -17.91
C THR A 384 2.13 11.40 -17.53
N LEU A 385 2.45 11.29 -16.24
CA LEU A 385 3.82 11.01 -15.86
C LEU A 385 4.25 9.64 -16.36
N ASP A 386 3.39 8.64 -16.27
CA ASP A 386 3.74 7.32 -16.80
C ASP A 386 3.96 7.39 -18.30
N LEU A 387 3.23 8.25 -19.00
CA LEU A 387 3.43 8.41 -20.43
C LEU A 387 4.84 8.88 -20.73
N TRP A 388 5.34 9.86 -19.96
CA TRP A 388 6.65 10.42 -20.25
C TRP A 388 7.75 9.43 -19.96
N CYS A 389 7.62 8.65 -18.88
CA CYS A 389 8.63 7.65 -18.58
C CYS A 389 8.69 6.60 -19.68
N THR A 390 7.52 6.12 -20.12
CA THR A 390 7.51 5.08 -21.14
C THR A 390 8.09 5.60 -22.46
N CYS A 391 7.73 6.82 -22.85
CA CYS A 391 8.21 7.36 -24.11
C CYS A 391 9.73 7.52 -24.10
N LEU A 392 10.29 7.99 -22.99
CA LEU A 392 11.73 8.19 -22.91
C LEU A 392 12.47 6.86 -23.01
N ARG A 393 11.96 5.82 -22.34
CA ARG A 393 12.63 4.53 -22.38
C ARG A 393 12.62 3.93 -23.78
N ASN A 394 11.50 4.03 -24.50
CA ASN A 394 11.36 3.42 -25.80
C ASN A 394 11.96 4.31 -26.87
N ASP A 395 12.90 3.75 -27.65
CA ASP A 395 13.54 4.51 -28.71
C ASP A 395 12.60 4.76 -29.89
N GLU A 396 11.42 4.14 -29.91
CA GLU A 396 10.47 4.41 -30.98
C GLU A 396 10.04 5.87 -30.98
N TYR A 397 9.75 6.41 -29.80
CA TYR A 397 9.32 7.80 -29.67
C TYR A 397 10.47 8.76 -29.41
N LEU A 398 11.62 8.25 -28.99
CA LEU A 398 12.69 9.14 -28.53
C LEU A 398 13.10 10.16 -29.59
N PRO A 399 13.24 9.82 -30.87
CA PRO A 399 13.57 10.85 -31.85
C PRO A 399 12.56 11.98 -31.91
N LYS A 400 11.28 11.67 -31.71
CA LYS A 400 10.25 12.72 -31.75
C LYS A 400 10.31 13.60 -30.51
N LEU A 401 10.45 13.00 -29.34
CA LEU A 401 10.57 13.79 -28.12
C LEU A 401 11.81 14.66 -28.15
N GLU A 402 12.91 14.13 -28.69
CA GLU A 402 14.18 14.85 -28.65
C GLU A 402 14.05 16.25 -29.25
N LYS A 403 13.15 16.43 -30.22
CA LYS A 403 13.01 17.72 -30.89
C LYS A 403 12.07 18.65 -30.15
N TYR A 404 10.92 18.14 -29.70
CA TYR A 404 9.81 18.98 -29.28
C TYR A 404 9.84 19.28 -27.78
N VAL A 405 9.78 18.24 -26.94
CA VAL A 405 9.34 18.38 -25.57
C VAL A 405 10.49 18.27 -24.58
N ILE A 406 11.48 17.45 -24.85
CA ILE A 406 12.49 17.14 -23.84
C ILE A 406 13.06 18.42 -23.25
N PRO A 407 13.40 19.43 -24.06
CA PRO A 407 13.89 20.68 -23.46
C PRO A 407 12.91 21.30 -22.48
N ASP A 408 11.60 21.22 -22.76
CA ASP A 408 10.58 21.79 -21.89
C ASP A 408 10.10 20.82 -20.83
N LEU A 409 10.04 19.53 -21.18
CA LEU A 409 9.70 18.52 -20.18
C LEU A 409 10.73 18.50 -19.06
N LEU A 410 12.00 18.70 -19.41
CA LEU A 410 13.04 18.75 -18.38
C LEU A 410 12.82 19.91 -17.43
N GLN A 411 12.50 21.09 -17.98
CA GLN A 411 12.25 22.25 -17.14
C GLN A 411 11.06 22.01 -16.24
N PHE A 412 9.98 21.43 -16.79
CA PHE A 412 8.82 21.14 -15.95
C PHE A 412 9.18 20.18 -14.83
N ALA A 413 9.89 19.10 -15.17
CA ALA A 413 10.23 18.10 -14.16
C ALA A 413 11.08 18.73 -13.05
N ALA A 414 12.03 19.57 -13.43
CA ALA A 414 12.86 20.23 -12.43
C ALA A 414 12.02 21.12 -11.54
N ASP A 415 11.10 21.90 -12.13
CA ASP A 415 10.31 22.83 -11.34
C ASP A 415 9.30 22.10 -10.45
N ALA A 416 8.89 20.90 -10.84
CA ALA A 416 7.87 20.16 -10.11
C ALA A 416 8.43 19.21 -9.07
N LEU A 417 9.75 19.15 -8.92
CA LEU A 417 10.38 18.27 -7.94
C LEU A 417 10.51 19.03 -6.62
N VAL A 418 9.36 19.29 -6.00
CA VAL A 418 9.29 20.04 -4.75
C VAL A 418 8.45 19.23 -3.76
N TYR A 419 8.45 19.69 -2.52
CA TYR A 419 7.69 19.05 -1.44
C TYR A 419 6.37 19.81 -1.33
N TYR A 420 5.34 19.30 -2.01
CA TYR A 420 4.08 20.01 -2.08
C TYR A 420 3.41 20.10 -0.71
N GLU A 421 3.43 19.01 0.05
CA GLU A 421 2.68 19.00 1.31
C GLU A 421 3.24 20.01 2.30
N GLN A 422 4.55 20.17 2.36
CA GLN A 422 5.18 21.03 3.35
C GLN A 422 5.19 22.50 2.93
N ILE A 423 4.70 22.83 1.74
CA ILE A 423 4.60 24.22 1.33
C ILE A 423 3.31 24.82 1.88
N ASP A 424 3.36 26.11 2.18
CA ASP A 424 2.21 26.80 2.75
C ASP A 424 1.26 27.22 1.64
N GLY A 425 0.03 26.71 1.68
CA GLY A 425 -0.97 27.13 0.72
C GLY A 425 -0.60 26.88 -0.73
N HIS A 426 0.02 25.74 -1.01
CA HIS A 426 0.30 25.38 -2.39
C HIS A 426 -1.00 25.11 -3.13
N ILE A 427 -1.07 25.56 -4.38
CA ILE A 427 -2.32 25.43 -5.14
C ILE A 427 -2.76 23.99 -5.24
N SER A 428 -1.80 23.06 -5.28
CA SER A 428 -2.14 21.65 -5.43
C SER A 428 -2.96 21.14 -4.25
N LYS A 429 -2.70 21.66 -3.05
CA LYS A 429 -3.40 21.17 -1.87
C LYS A 429 -4.89 21.44 -1.91
N LYS A 430 -5.34 22.41 -2.71
CA LYS A 430 -6.77 22.62 -2.85
C LYS A 430 -7.44 21.39 -3.43
N PHE A 431 -6.84 20.78 -4.44
CA PHE A 431 -7.38 19.55 -5.00
C PHE A 431 -7.18 18.36 -4.08
N ALA A 432 -6.28 18.47 -3.10
CA ALA A 432 -5.98 17.33 -2.24
C ALA A 432 -7.20 16.89 -1.44
N GLU A 433 -7.91 17.86 -0.86
CA GLU A 433 -9.07 17.54 -0.04
C GLU A 433 -10.23 16.99 -0.84
N ILE A 434 -10.19 17.10 -2.16
CA ILE A 434 -11.24 16.53 -3.00
C ILE A 434 -10.90 15.14 -3.47
N ASP A 435 -9.64 14.92 -3.88
CA ASP A 435 -9.24 13.62 -4.41
C ASP A 435 -8.84 12.65 -3.31
N PHE A 436 -8.37 13.15 -2.17
CA PHE A 436 -7.92 12.32 -1.06
C PHE A 436 -8.71 12.68 0.18
N GLN A 437 -9.03 11.67 1.00
CA GLN A 437 -9.77 11.86 2.23
C GLN A 437 -8.88 11.76 3.47
N SER A 438 -7.56 11.87 3.29
CA SER A 438 -6.65 11.79 4.42
C SER A 438 -5.37 12.52 4.07
N LYS A 439 -4.70 13.06 5.09
CA LYS A 439 -3.38 13.64 4.86
C LYS A 439 -2.39 12.58 4.42
N SER A 440 -2.42 11.40 5.05
CA SER A 440 -1.47 10.35 4.71
C SER A 440 -1.59 9.96 3.25
N GLU A 441 -2.80 9.91 2.72
CA GLU A 441 -2.98 9.63 1.30
C GLU A 441 -2.25 10.67 0.46
N PHE A 442 -2.38 11.94 0.81
CA PHE A 442 -1.71 12.99 0.06
C PHE A 442 -0.20 12.86 0.16
N GLN A 443 0.32 12.57 1.36
CA GLN A 443 1.76 12.43 1.52
C GLN A 443 2.29 11.29 0.67
N THR A 444 1.63 10.13 0.70
CA THR A 444 2.12 9.00 -0.07
C THR A 444 2.00 9.26 -1.56
N PHE A 445 0.92 9.90 -2.00
CA PHE A 445 0.80 10.21 -3.41
C PHE A 445 1.86 11.20 -3.84
N CYS A 446 2.17 12.19 -3.01
CA CYS A 446 3.23 13.14 -3.34
C CYS A 446 4.57 12.44 -3.42
N SER A 447 4.82 11.48 -2.52
CA SER A 447 6.07 10.73 -2.61
C SER A 447 6.16 9.96 -3.92
N THR A 448 5.07 9.31 -4.30
CA THR A 448 5.07 8.58 -5.58
C THR A 448 5.25 9.54 -6.75
N TYR A 449 4.60 10.70 -6.69
CA TYR A 449 4.70 11.68 -7.75
C TYR A 449 6.13 12.17 -7.91
N ARG A 450 6.80 12.47 -6.79
CA ARG A 450 8.18 12.89 -6.86
C ARG A 450 9.09 11.77 -7.34
N LYS A 451 8.78 10.53 -6.98
CA LYS A 451 9.55 9.41 -7.51
C LYS A 451 9.45 9.36 -9.03
N ARG A 452 8.23 9.45 -9.55
CA ARG A 452 8.06 9.40 -11.01
C ARG A 452 8.70 10.60 -11.67
N ILE A 453 8.66 11.77 -11.02
CA ILE A 453 9.33 12.95 -11.57
C ILE A 453 10.82 12.73 -11.64
N ARG A 454 11.40 12.16 -10.57
CA ARG A 454 12.83 11.87 -10.59
C ARG A 454 13.17 10.86 -11.67
N ASP A 455 12.26 9.93 -11.96
CA ASP A 455 12.49 9.05 -13.10
C ASP A 455 12.61 9.85 -14.39
N ILE A 456 11.76 10.85 -14.57
CA ILE A 456 11.79 11.63 -15.80
C ILE A 456 13.13 12.36 -15.93
N ILE A 457 13.59 12.98 -14.85
CA ILE A 457 14.85 13.72 -14.93
C ILE A 457 16.01 12.75 -15.11
N ARG A 458 15.95 11.58 -14.48
CA ARG A 458 17.02 10.61 -14.63
C ARG A 458 17.13 10.13 -16.07
N LEU A 459 16.00 9.90 -16.73
CA LEU A 459 16.04 9.42 -18.11
C LEU A 459 16.38 10.53 -19.08
N ILE A 460 15.92 11.76 -18.81
CA ILE A 460 16.23 12.86 -19.71
C ILE A 460 17.73 13.14 -19.70
N SER A 461 18.36 13.03 -18.54
CA SER A 461 19.81 13.22 -18.46
C SER A 461 20.56 12.03 -19.07
N CYS A 462 19.98 10.84 -18.98
CA CYS A 462 20.60 9.67 -19.62
C CYS A 462 20.61 9.83 -21.13
N VAL A 463 19.54 10.36 -21.70
CA VAL A 463 19.44 10.49 -23.15
C VAL A 463 20.14 11.76 -23.63
N GLU A 464 19.63 12.91 -23.20
CA GLU A 464 20.18 14.21 -23.61
C GLU A 464 21.16 14.71 -22.55
N LEU A 465 22.26 13.96 -22.38
CA LEU A 465 23.19 14.26 -21.30
C LEU A 465 23.82 15.62 -21.48
N ASP A 466 24.27 15.94 -22.70
CA ASP A 466 24.93 17.22 -22.93
C ASP A 466 23.96 18.37 -22.68
N LEU A 467 22.75 18.27 -23.21
CA LEU A 467 21.77 19.33 -23.03
C LEU A 467 21.41 19.51 -21.57
N THR A 468 21.23 18.40 -20.84
CA THR A 468 20.91 18.51 -19.42
C THR A 468 22.05 19.14 -18.64
N TYR A 469 23.28 18.70 -18.90
CA TYR A 469 24.41 19.27 -18.18
C TYR A 469 24.54 20.77 -18.43
N ASP A 470 24.37 21.19 -19.68
CA ASP A 470 24.37 22.62 -19.96
C ASP A 470 23.24 23.31 -19.22
N TRP A 471 22.07 22.70 -19.20
CA TRP A 471 20.94 23.26 -18.47
C TRP A 471 21.20 23.24 -16.97
N LEU A 472 21.81 22.17 -16.46
CA LEU A 472 22.03 22.06 -15.03
C LEU A 472 22.93 23.17 -14.52
N ASN A 473 24.10 23.34 -15.14
CA ASN A 473 25.02 24.38 -14.71
C ASN A 473 24.34 25.74 -14.69
N ASN A 474 23.56 26.04 -15.73
CA ASN A 474 22.85 27.30 -15.76
C ASN A 474 21.89 27.41 -14.58
N ARG A 475 21.22 26.31 -14.23
CA ARG A 475 20.28 26.33 -13.12
C ARG A 475 21.01 26.55 -11.80
N LEU A 476 22.09 25.81 -11.56
CA LEU A 476 22.81 25.93 -10.30
C LEU A 476 23.42 27.31 -10.13
N ASN A 477 24.06 27.83 -11.19
CA ASN A 477 24.67 29.15 -11.09
C ASN A 477 23.64 30.21 -10.79
N ASN A 478 22.48 30.14 -11.45
CA ASN A 478 21.43 31.12 -11.18
C ASN A 478 20.90 30.97 -9.76
N TYR A 479 20.69 29.74 -9.31
CA TYR A 479 20.08 29.54 -7.99
C TYR A 479 20.98 30.06 -6.89
N PHE A 480 22.24 29.63 -6.86
CA PHE A 480 23.11 29.99 -5.76
C PHE A 480 23.52 31.44 -5.78
N SER A 481 23.22 32.16 -6.86
CA SER A 481 23.35 33.62 -6.87
C SER A 481 22.09 34.32 -6.38
N SER A 482 20.97 33.59 -6.29
CA SER A 482 19.73 34.18 -5.83
C SER A 482 19.79 34.42 -4.32
N PRO A 483 18.92 35.29 -3.79
CA PRO A 483 18.94 35.53 -2.33
C PRO A 483 18.79 34.26 -1.52
N PHE A 484 17.93 33.33 -1.95
CA PHE A 484 17.79 32.08 -1.22
C PHE A 484 19.10 31.29 -1.26
N GLY A 485 19.76 31.27 -2.41
CA GLY A 485 21.05 30.61 -2.47
C GLY A 485 22.07 31.23 -1.54
N GLN A 486 22.08 32.56 -1.46
CA GLN A 486 22.99 33.23 -0.54
C GLN A 486 22.67 32.88 0.90
N GLN A 487 21.39 32.83 1.26
CA GLN A 487 21.02 32.41 2.60
C GLN A 487 21.52 31.01 2.89
N VAL A 488 21.33 30.09 1.95
CA VAL A 488 21.74 28.71 2.16
C VAL A 488 23.25 28.62 2.34
N LEU A 489 24.00 29.33 1.51
CA LEU A 489 25.46 29.28 1.61
C LEU A 489 25.97 30.04 2.82
N SER A 490 25.16 30.90 3.42
CA SER A 490 25.58 31.67 4.60
C SER A 490 25.19 30.98 5.89
N SER A 491 23.95 30.52 5.99
CA SER A 491 23.46 29.93 7.22
C SER A 491 24.18 28.62 7.51
N THR A 492 24.16 28.22 8.78
CA THR A 492 24.72 26.96 9.23
C THR A 492 23.69 25.97 9.72
N PHE A 493 22.47 26.42 10.02
CA PHE A 493 21.40 25.52 10.42
C PHE A 493 20.09 26.13 9.93
N LEU A 494 19.55 25.58 8.85
CA LEU A 494 18.27 26.04 8.34
C LEU A 494 17.12 25.40 9.11
N ASP A 495 15.90 25.89 8.87
CA ASP A 495 14.75 25.45 9.62
C ASP A 495 14.25 24.08 9.20
N HIS A 496 14.72 23.55 8.07
CA HIS A 496 14.33 22.24 7.57
C HIS A 496 12.84 22.16 7.23
N LYS A 497 12.13 23.29 7.26
CA LYS A 497 10.75 23.34 6.79
C LYS A 497 10.45 24.58 5.97
N LEU A 498 11.32 25.58 5.96
CA LEU A 498 11.08 26.83 5.25
C LEU A 498 11.75 26.80 3.89
N GLU A 499 11.46 27.83 3.09
CA GLU A 499 11.76 27.77 1.67
C GLU A 499 13.23 27.59 1.36
N PRO A 500 14.18 28.28 2.00
CA PRO A 500 15.58 28.12 1.58
C PRO A 500 16.04 26.68 1.59
N TYR A 501 15.83 25.97 2.70
CA TYR A 501 16.30 24.59 2.79
C TYR A 501 15.59 23.71 1.77
N LEU A 502 14.27 23.85 1.64
CA LEU A 502 13.54 22.98 0.72
C LEU A 502 13.98 23.21 -0.71
N GLY A 503 14.19 24.47 -1.10
CA GLY A 503 14.69 24.73 -2.44
C GLY A 503 16.06 24.14 -2.67
N ALA A 504 16.97 24.33 -1.71
CA ALA A 504 18.30 23.76 -1.86
C ALA A 504 18.23 22.24 -1.95
N LEU A 505 17.39 21.63 -1.13
CA LEU A 505 17.25 20.17 -1.17
C LEU A 505 16.73 19.71 -2.52
N SER A 506 15.77 20.44 -3.09
CA SER A 506 15.29 20.08 -4.42
C SER A 506 16.39 20.19 -5.45
N GLN A 507 17.22 21.24 -5.35
CA GLN A 507 18.34 21.36 -6.28
C GLN A 507 19.27 20.16 -6.16
N TYR A 508 19.54 19.72 -4.94
CA TYR A 508 20.42 18.58 -4.76
C TYR A 508 19.76 17.28 -5.20
N MET A 509 18.44 17.18 -5.09
CA MET A 509 17.76 16.02 -5.65
C MET A 509 17.88 16.00 -7.16
N ILE A 510 17.80 17.18 -7.78
CA ILE A 510 17.99 17.26 -9.23
C ILE A 510 19.40 16.83 -9.62
N VAL A 511 20.39 17.26 -8.84
CA VAL A 511 21.77 16.85 -9.11
C VAL A 511 21.90 15.34 -8.96
N GLU A 512 21.26 14.77 -7.94
CA GLU A 512 21.29 13.32 -7.79
C GLU A 512 20.68 12.63 -8.99
N CYS A 513 19.55 13.16 -9.49
CA CYS A 513 18.92 12.57 -10.66
C CYS A 513 19.86 12.65 -11.87
N PHE A 514 20.55 13.78 -12.03
CA PHE A 514 21.50 13.89 -13.14
C PHE A 514 22.61 12.86 -13.02
N ILE A 515 23.13 12.66 -11.81
CA ILE A 515 24.19 11.67 -11.62
C ILE A 515 23.69 10.27 -11.92
N ASN A 516 22.47 9.96 -11.49
CA ASN A 516 21.91 8.65 -11.79
C ASN A 516 21.73 8.48 -13.29
N GLY A 517 21.31 9.53 -13.99
CA GLY A 517 21.22 9.46 -15.43
C GLY A 517 22.57 9.20 -16.07
N CYS A 518 23.61 9.89 -15.60
CA CYS A 518 24.95 9.65 -16.12
C CYS A 518 25.37 8.21 -15.89
N ILE A 519 25.04 7.64 -14.73
CA ILE A 519 25.36 6.25 -14.47
C ILE A 519 24.62 5.34 -15.45
N ARG A 520 23.32 5.59 -15.64
CA ARG A 520 22.55 4.77 -16.57
C ARG A 520 23.08 4.89 -17.99
N TRP A 521 23.64 6.04 -18.35
CA TRP A 521 24.14 6.21 -19.70
C TRP A 521 25.18 5.16 -20.05
N LYS A 522 26.00 4.78 -19.08
CA LYS A 522 27.01 3.75 -19.35
C LYS A 522 26.37 2.47 -19.85
N ILE A 523 25.17 2.15 -19.37
CA ILE A 523 24.48 0.95 -19.83
C ILE A 523 23.61 1.24 -21.05
N TRP A 524 23.06 2.45 -21.16
CA TRP A 524 22.13 2.76 -22.24
C TRP A 524 22.86 2.93 -23.56
N TYR A 525 24.00 3.59 -23.56
CA TYR A 525 24.66 3.93 -24.81
C TYR A 525 25.28 2.69 -25.43
N PRO A 526 25.11 2.45 -26.74
CA PRO A 526 25.73 1.29 -27.37
C PRO A 526 27.24 1.30 -27.19
N THR A 527 27.79 0.12 -26.97
CA THR A 527 29.23 -0.03 -26.74
C THR A 527 30.00 0.03 -28.06
N GLY A 528 29.87 1.17 -28.74
CA GLY A 528 30.51 1.40 -30.01
C GLY A 528 31.92 1.91 -29.84
N ASP A 529 32.53 2.27 -30.98
CA ASP A 529 33.87 2.84 -30.94
C ASP A 529 33.90 4.17 -30.22
N ASP A 530 32.84 4.97 -30.40
CA ASP A 530 32.78 6.30 -29.80
C ASP A 530 32.53 6.25 -28.30
N TYR A 531 32.27 5.07 -27.74
CA TYR A 531 31.88 4.97 -26.34
C TYR A 531 32.94 5.55 -25.42
N ASP A 532 34.21 5.26 -25.67
CA ASP A 532 35.26 5.67 -24.74
C ASP A 532 35.37 7.19 -24.69
N GLU A 533 35.34 7.86 -25.83
CA GLU A 533 35.44 9.32 -25.83
C GLU A 533 34.27 9.94 -25.11
N LYS A 534 33.06 9.45 -25.39
CA LYS A 534 31.89 9.97 -24.70
C LYS A 534 32.01 9.78 -23.19
N LEU A 535 32.44 8.59 -22.76
CA LEU A 535 32.53 8.34 -21.32
C LEU A 535 33.57 9.22 -20.67
N ASP A 536 34.70 9.46 -21.35
CA ASP A 536 35.69 10.36 -20.80
C ASP A 536 35.13 11.77 -20.67
N SER A 537 34.34 12.21 -21.66
CA SER A 537 33.71 13.52 -21.56
C SER A 537 32.74 13.56 -20.38
N ILE A 538 31.98 12.49 -20.18
CA ILE A 538 31.03 12.44 -19.06
C ILE A 538 31.79 12.53 -17.74
N LEU A 539 32.90 11.80 -17.63
CA LEU A 539 33.67 11.84 -16.39
C LEU A 539 34.25 13.22 -16.15
N GLN A 540 34.73 13.88 -17.20
CA GLN A 540 35.23 15.24 -17.04
C GLN A 540 34.13 16.18 -16.60
N LYS A 541 32.93 16.04 -17.18
CA LYS A 541 31.81 16.87 -16.77
C LYS A 541 31.45 16.65 -15.31
N LEU A 542 31.43 15.38 -14.88
CA LEU A 542 31.12 15.10 -13.48
C LEU A 542 32.17 15.67 -12.56
N GLU A 543 33.44 15.57 -12.94
CA GLU A 543 34.50 16.17 -12.13
C GLU A 543 34.32 17.67 -12.02
N ILE A 544 34.02 18.33 -13.14
CA ILE A 544 33.83 19.78 -13.10
C ILE A 544 32.65 20.14 -12.22
N LEU A 545 31.55 19.39 -12.32
CA LEU A 545 30.40 19.67 -11.48
C LEU A 545 30.75 19.49 -10.01
N SER A 546 31.46 18.42 -9.67
CA SER A 546 31.85 18.19 -8.28
C SER A 546 32.72 19.33 -7.76
N ASN A 547 33.70 19.75 -8.56
CA ASN A 547 34.53 20.87 -8.14
C ASN A 547 33.70 22.13 -7.96
N GLN A 548 32.71 22.33 -8.82
CA GLN A 548 31.83 23.48 -8.67
C GLN A 548 31.08 23.42 -7.34
N LEU A 549 30.44 22.28 -7.06
CA LEU A 549 29.63 22.17 -5.85
C LEU A 549 30.49 22.32 -4.60
N ILE A 550 31.68 21.71 -4.59
CA ILE A 550 32.52 21.78 -3.41
C ILE A 550 32.98 23.21 -3.17
N ALA A 551 33.23 23.97 -4.23
CA ALA A 551 33.73 25.33 -4.09
C ALA A 551 32.73 26.23 -3.37
N LEU A 552 31.47 25.82 -3.26
CA LEU A 552 30.47 26.65 -2.60
C LEU A 552 30.67 26.71 -1.09
N ASN A 553 31.44 25.79 -0.52
CA ASN A 553 31.67 25.77 0.92
C ASN A 553 30.36 25.71 1.69
N LEU A 554 29.43 24.91 1.20
CA LEU A 554 28.16 24.73 1.89
C LEU A 554 28.41 24.12 3.27
N ARG A 555 27.72 24.65 4.28
CA ARG A 555 27.90 24.21 5.65
C ARG A 555 26.69 23.53 6.26
N GLU A 556 25.50 23.76 5.72
CA GLU A 556 24.29 23.16 6.29
C GLU A 556 24.43 21.65 6.32
N PRO A 557 24.31 21.00 7.49
CA PRO A 557 24.55 19.56 7.54
C PRO A 557 23.67 18.74 6.62
N LEU A 558 22.34 18.84 6.77
CA LEU A 558 21.46 17.99 5.98
C LEU A 558 21.69 18.19 4.50
N LEU A 559 21.91 19.43 4.06
CA LEU A 559 22.29 19.65 2.68
C LEU A 559 23.68 19.09 2.41
N LEU A 560 24.58 19.22 3.39
CA LEU A 560 25.97 18.71 3.23
C LEU A 560 25.94 17.18 3.21
N LYS A 561 24.98 16.52 3.86
CA LYS A 561 24.85 15.07 3.76
C LYS A 561 24.37 14.66 2.38
N LYS A 562 23.42 15.39 1.82
CA LYS A 562 22.96 15.07 0.47
C LYS A 562 24.07 15.27 -0.54
N GLN A 563 24.88 16.30 -0.38
CA GLN A 563 26.01 16.51 -1.26
C GLN A 563 27.00 15.36 -1.14
N ILE A 564 27.24 14.89 0.08
CA ILE A 564 28.17 13.78 0.28
C ILE A 564 27.64 12.52 -0.38
N GLN A 565 26.34 12.27 -0.29
CA GLN A 565 25.78 11.07 -0.90
C GLN A 565 25.80 11.16 -2.43
N ASN A 566 25.56 12.35 -2.97
CA ASN A 566 25.71 12.53 -4.41
C ASN A 566 27.14 12.25 -4.84
N PHE A 567 28.12 12.73 -4.09
CA PHE A 567 29.51 12.43 -4.43
C PHE A 567 29.81 10.95 -4.26
N ALA A 568 29.14 10.28 -3.33
CA ALA A 568 29.28 8.83 -3.24
C ALA A 568 28.81 8.17 -4.52
N LEU A 569 27.71 8.65 -5.09
CA LEU A 569 27.30 8.17 -6.41
C LEU A 569 28.39 8.47 -7.45
N PHE A 570 28.95 9.68 -7.42
CA PHE A 570 30.03 10.03 -8.33
C PHE A 570 31.13 8.98 -8.31
N LEU A 571 31.59 8.64 -7.11
CA LEU A 571 32.85 7.92 -6.97
C LEU A 571 32.84 6.54 -7.62
N THR A 572 31.65 6.00 -7.90
CA THR A 572 31.61 4.68 -8.54
C THR A 572 32.25 4.69 -9.91
N MET A 573 32.42 5.87 -10.51
CA MET A 573 32.96 6.00 -11.86
C MET A 573 34.37 6.57 -11.88
N LEU A 574 34.61 7.68 -11.20
CA LEU A 574 35.93 8.30 -11.20
C LEU A 574 36.97 7.30 -10.72
N LYS A 575 38.23 7.61 -11.01
CA LYS A 575 39.33 6.73 -10.60
C LYS A 575 40.62 7.53 -10.56
N ASP A 576 41.60 6.97 -9.84
CA ASP A 576 42.93 7.55 -9.74
C ASP A 576 42.92 8.84 -8.93
N ASN A 577 43.71 9.84 -9.34
CA ASN A 577 43.92 11.01 -8.48
C ASN A 577 42.67 11.86 -8.38
N VAL A 578 41.91 11.96 -9.48
CA VAL A 578 40.67 12.73 -9.42
C VAL A 578 39.75 12.15 -8.35
N LEU A 579 39.80 10.83 -8.16
CA LEU A 579 39.04 10.22 -7.08
C LEU A 579 39.50 10.74 -5.73
N PHE A 580 40.81 10.82 -5.51
CA PHE A 580 41.32 11.24 -4.21
C PHE A 580 40.97 12.69 -3.91
N THR A 581 41.09 13.56 -4.91
CA THR A 581 40.82 14.98 -4.65
C THR A 581 39.38 15.19 -4.20
N LEU A 582 38.46 14.37 -4.69
CA LEU A 582 37.07 14.48 -4.28
C LEU A 582 36.85 13.79 -2.94
N LEU A 583 37.46 12.63 -2.74
CA LEU A 583 37.26 11.87 -1.52
C LEU A 583 37.81 12.63 -0.31
N GLU A 584 38.98 13.25 -0.46
CA GLU A 584 39.56 14.01 0.62
C GLU A 584 38.67 15.20 0.99
N LYS A 585 38.12 15.87 -0.02
CA LYS A 585 37.23 16.99 0.27
C LYS A 585 35.95 16.51 0.96
N ILE A 586 35.43 15.35 0.56
CA ILE A 586 34.30 14.76 1.27
C ILE A 586 34.67 14.58 2.74
N ILE A 587 35.80 13.93 3.00
CA ILE A 587 36.17 13.61 4.37
C ILE A 587 36.35 14.88 5.19
N THR A 588 37.04 15.87 4.63
CA THR A 588 37.34 17.06 5.41
C THR A 588 36.10 17.91 5.64
N SER A 589 35.26 18.08 4.62
CA SER A 589 34.07 18.88 4.79
C SER A 589 33.10 18.22 5.76
N ALA A 590 32.91 16.91 5.65
CA ALA A 590 31.94 16.24 6.50
C ALA A 590 32.36 16.29 7.97
N THR A 591 33.65 16.09 8.23
CA THR A 591 34.15 16.03 9.60
C THR A 591 34.57 17.39 10.14
N MET A 592 34.36 18.46 9.38
CA MET A 592 34.69 19.79 9.87
C MET A 592 33.91 20.07 11.15
N ASP A 593 34.59 20.67 12.13
CA ASP A 593 33.94 20.96 13.39
C ASP A 593 32.99 22.15 13.25
N TYR A 594 32.11 22.29 14.23
CA TYR A 594 31.09 23.35 14.25
C TYR A 594 31.20 24.07 15.59
N PRO A 595 32.10 25.05 15.69
CA PRO A 595 32.24 25.77 16.98
C PRO A 595 30.96 26.43 17.42
N GLU A 596 30.07 26.76 16.49
CA GLU A 596 28.84 27.47 16.83
C GLU A 596 27.92 26.64 17.71
N ILE A 597 28.15 25.33 17.80
CA ILE A 597 27.28 24.42 18.52
C ILE A 597 28.11 23.47 19.36
N ASN A 598 27.50 22.96 20.42
CA ASN A 598 28.10 21.91 21.24
C ASN A 598 27.62 20.56 20.73
N LEU A 599 28.56 19.66 20.47
CA LEU A 599 28.27 18.39 19.83
C LEU A 599 27.87 17.30 20.83
N GLU A 600 27.39 17.69 22.01
CA GLU A 600 26.97 16.70 23.00
C GLU A 600 25.69 17.12 23.72
N GLU A 601 25.00 18.16 23.27
CA GLU A 601 23.79 18.64 23.92
C GLU A 601 22.54 17.90 23.45
N ARG A 602 22.64 17.03 22.45
CA ARG A 602 21.50 16.30 21.89
C ARG A 602 20.45 17.23 21.31
N GLY A 603 20.81 18.47 21.02
CA GLY A 603 19.88 19.37 20.38
C GLY A 603 19.58 18.97 18.95
N ALA A 604 18.43 19.42 18.45
CA ALA A 604 18.05 19.10 17.09
C ALA A 604 19.05 19.61 16.08
N GLU A 605 19.86 20.62 16.43
CA GLU A 605 20.88 21.13 15.54
C GLU A 605 22.23 20.47 15.75
N SER A 606 22.38 19.60 16.74
CA SER A 606 23.57 18.79 16.91
C SER A 606 23.38 17.36 16.41
N ASP A 607 22.17 16.82 16.53
CA ASP A 607 21.89 15.53 15.91
C ASP A 607 22.09 15.60 14.40
N ALA A 608 21.85 16.76 13.79
CA ALA A 608 22.11 16.91 12.37
C ALA A 608 23.59 16.68 12.06
N VAL A 609 24.47 17.30 12.85
CA VAL A 609 25.90 17.13 12.62
C VAL A 609 26.30 15.68 12.88
N ARG A 610 25.77 15.09 13.95
CA ARG A 610 26.12 13.71 14.27
C ARG A 610 25.69 12.77 13.16
N ASP A 611 24.49 12.99 12.60
CA ASP A 611 24.06 12.18 11.47
C ASP A 611 24.94 12.42 10.25
N LEU A 612 25.31 13.66 9.99
CA LEU A 612 26.21 13.95 8.88
C LEU A 612 27.50 13.13 9.00
N ARG A 613 28.15 13.21 10.17
CA ARG A 613 29.38 12.46 10.36
C ARG A 613 29.14 10.96 10.27
N TYR A 614 27.94 10.52 10.63
CA TYR A 614 27.62 9.10 10.52
C TYR A 614 27.37 8.69 9.07
N ALA A 615 26.82 9.59 8.25
CA ALA A 615 26.57 9.25 6.86
C ALA A 615 27.88 8.97 6.12
N CYS A 616 28.92 9.77 6.39
CA CYS A 616 30.19 9.54 5.72
C CYS A 616 30.75 8.17 6.03
N GLY A 617 30.67 7.75 7.29
CA GLY A 617 31.17 6.42 7.63
C GLY A 617 30.51 5.35 6.79
N ILE A 618 29.19 5.42 6.64
CA ILE A 618 28.48 4.46 5.81
C ILE A 618 28.97 4.54 4.38
N GLU A 619 29.00 5.76 3.82
CA GLU A 619 29.37 5.90 2.41
C GLU A 619 30.81 5.50 2.19
N LEU A 620 31.72 5.91 3.07
CA LEU A 620 33.12 5.55 2.91
C LEU A 620 33.31 4.05 2.99
N ASN A 621 32.68 3.40 3.97
CA ASN A 621 32.83 1.95 4.10
C ASN A 621 32.24 1.23 2.89
N ARG A 622 31.08 1.67 2.42
CA ARG A 622 30.47 1.04 1.25
C ARG A 622 31.36 1.19 0.04
N MET A 623 31.89 2.39 -0.18
CA MET A 623 32.77 2.62 -1.33
C MET A 623 34.03 1.78 -1.22
N ALA A 624 34.59 1.66 -0.02
CA ALA A 624 35.77 0.82 0.15
C ALA A 624 35.46 -0.63 -0.16
N LEU A 625 34.30 -1.12 0.29
CA LEU A 625 33.92 -2.49 -0.01
C LEU A 625 33.77 -2.70 -1.51
N LEU A 626 33.19 -1.73 -2.22
CA LEU A 626 32.97 -1.90 -3.64
C LEU A 626 34.26 -1.77 -4.45
N MET A 627 35.12 -0.82 -4.10
CA MET A 627 36.29 -0.49 -4.90
C MET A 627 37.53 -0.46 -4.03
N PRO A 628 37.96 -1.60 -3.50
CA PRO A 628 39.22 -1.61 -2.74
C PRO A 628 40.44 -1.44 -3.63
N GLU A 629 40.45 -2.07 -4.81
CA GLU A 629 41.60 -1.95 -5.70
C GLU A 629 41.80 -0.51 -6.14
N SER A 630 40.71 0.22 -6.37
CA SER A 630 40.84 1.62 -6.74
C SER A 630 41.53 2.42 -5.65
N LEU A 631 41.21 2.11 -4.39
CA LEU A 631 41.78 2.84 -3.26
C LEU A 631 43.14 2.32 -2.83
N LYS A 632 43.60 1.19 -3.38
CA LYS A 632 44.91 0.67 -2.98
C LYS A 632 46.00 1.73 -3.11
N LYS A 633 46.18 2.26 -4.32
CA LYS A 633 47.28 3.19 -4.55
C LYS A 633 47.06 4.56 -3.93
N ILE A 634 45.81 4.91 -3.61
CA ILE A 634 45.53 6.17 -2.94
C ILE A 634 45.64 6.05 -1.42
N TYR A 635 45.67 4.84 -0.89
CA TYR A 635 45.72 4.66 0.56
C TYR A 635 46.79 5.47 1.26
N PRO A 636 48.01 5.60 0.74
CA PRO A 636 49.02 6.37 1.47
C PRO A 636 48.58 7.79 1.80
N ASP A 637 47.74 8.40 0.96
CA ASP A 637 47.26 9.75 1.22
C ASP A 637 46.00 9.76 2.08
N LEU A 638 45.12 8.78 1.89
CA LEU A 638 43.93 8.70 2.74
C LEU A 638 44.33 8.46 4.19
N GLU A 639 45.39 7.69 4.42
CA GLU A 639 45.85 7.46 5.79
C GLU A 639 46.25 8.77 6.44
N SER A 640 47.01 9.61 5.72
CA SER A 640 47.40 10.90 6.27
C SER A 640 46.20 11.79 6.49
N VAL A 641 45.25 11.79 5.56
CA VAL A 641 44.06 12.62 5.72
C VAL A 641 43.30 12.21 6.97
N ILE A 642 43.11 10.91 7.16
CA ILE A 642 42.39 10.43 8.34
C ILE A 642 43.15 10.82 9.61
N ALA A 643 44.46 10.63 9.61
CA ALA A 643 45.25 11.02 10.77
C ALA A 643 45.06 12.50 11.09
N ARG A 644 45.04 13.34 10.05
CA ARG A 644 44.84 14.76 10.28
C ARG A 644 43.45 15.06 10.81
N ILE A 645 42.44 14.31 10.37
CA ILE A 645 41.08 14.56 10.80
C ILE A 645 40.73 13.87 12.12
N MET A 646 41.52 12.88 12.55
CA MET A 646 41.15 12.12 13.74
C MET A 646 40.94 12.99 14.97
N PRO A 647 41.76 14.00 15.25
CA PRO A 647 41.62 14.71 16.54
C PRO A 647 40.24 15.27 16.80
N ASN A 648 39.53 15.74 15.78
CA ASN A 648 38.21 16.34 15.95
C ASN A 648 37.09 15.34 15.70
N LEU A 649 37.30 14.07 16.05
CA LEU A 649 36.30 13.02 15.91
C LEU A 649 36.10 12.33 17.25
N SER A 650 34.84 12.04 17.58
CA SER A 650 34.54 11.28 18.77
C SER A 650 34.88 9.81 18.57
N TYR A 651 34.82 9.05 19.66
CA TYR A 651 35.12 7.62 19.58
C TYR A 651 34.23 6.94 18.55
N HIS A 652 32.94 7.29 18.53
CA HIS A 652 31.98 6.59 17.68
C HIS A 652 32.38 6.70 16.21
N GLU A 653 32.81 7.88 15.78
CA GLU A 653 33.22 8.07 14.39
C GLU A 653 34.67 7.71 14.15
N LYS A 654 35.51 7.85 15.18
CA LYS A 654 36.88 7.37 15.07
C LYS A 654 36.88 5.91 14.67
N ILE A 655 36.01 5.11 15.28
CA ILE A 655 35.92 3.70 14.94
C ILE A 655 35.51 3.52 13.50
N SER A 656 34.54 4.31 13.02
CA SER A 656 34.07 4.15 11.65
C SER A 656 35.19 4.41 10.66
N PHE A 657 35.95 5.48 10.87
CA PHE A 657 37.02 5.79 9.92
C PHE A 657 38.16 4.79 10.01
N LYS A 658 38.46 4.31 11.21
CA LYS A 658 39.45 3.23 11.32
C LYS A 658 38.97 1.98 10.59
N SER A 659 37.66 1.71 10.65
CA SER A 659 37.11 0.57 9.92
C SER A 659 37.26 0.76 8.42
N PHE A 660 37.04 1.98 7.94
CA PHE A 660 37.25 2.27 6.52
C PHE A 660 38.69 1.95 6.13
N LEU A 661 39.65 2.43 6.91
CA LEU A 661 41.05 2.12 6.62
C LEU A 661 41.30 0.61 6.66
N LEU A 662 40.70 -0.08 7.63
CA LEU A 662 40.90 -1.52 7.74
C LEU A 662 40.36 -2.24 6.50
N ILE A 663 39.19 -1.84 6.03
CA ILE A 663 38.63 -2.44 4.82
C ILE A 663 39.60 -2.27 3.66
N ILE A 664 40.11 -1.04 3.49
CA ILE A 664 41.06 -0.83 2.40
C ILE A 664 42.28 -1.72 2.57
N VAL A 665 42.79 -1.83 3.80
CA VAL A 665 44.00 -2.61 4.03
C VAL A 665 43.78 -4.08 3.69
N LEU A 666 42.63 -4.62 4.08
CA LEU A 666 42.41 -6.05 3.91
C LEU A 666 42.02 -6.40 2.48
N LYS A 667 40.99 -5.74 1.94
CA LYS A 667 40.44 -6.16 0.65
C LYS A 667 41.25 -5.67 -0.54
N SER A 668 42.17 -4.72 -0.36
CA SER A 668 42.87 -4.10 -1.48
C SER A 668 44.14 -4.84 -1.88
N SER A 669 44.57 -5.84 -1.11
CA SER A 669 45.79 -6.58 -1.41
C SER A 669 47.03 -5.72 -1.22
N LEU A 670 47.01 -4.86 -0.21
CA LEU A 670 48.20 -4.11 0.15
C LEU A 670 49.24 -5.03 0.80
N ASP A 671 50.49 -4.62 0.71
CA ASP A 671 51.57 -5.40 1.31
C ASP A 671 51.53 -5.28 2.84
N MET A 672 52.23 -6.20 3.49
CA MET A 672 52.34 -6.24 4.95
C MET A 672 51.01 -5.94 5.61
N LYS A 673 50.01 -6.76 5.28
CA LYS A 673 48.69 -6.60 5.86
C LYS A 673 48.74 -6.79 7.37
N GLU A 674 49.51 -7.78 7.84
CA GLU A 674 49.55 -8.08 9.27
C GLU A 674 49.98 -6.87 10.08
N GLU A 675 50.98 -6.13 9.60
CA GLU A 675 51.49 -5.00 10.36
C GLU A 675 50.46 -3.88 10.42
N ARG A 676 49.89 -3.51 9.28
CA ARG A 676 48.88 -2.46 9.26
C ARG A 676 47.66 -2.87 10.07
N PHE A 677 47.22 -4.12 9.91
CA PHE A 677 46.09 -4.62 10.68
C PHE A 677 46.33 -4.45 12.17
N ALA A 678 47.50 -4.88 12.64
CA ALA A 678 47.83 -4.73 14.05
C ALA A 678 47.84 -3.26 14.45
N ALA A 679 48.41 -2.40 13.61
CA ALA A 679 48.48 -0.98 13.93
C ALA A 679 47.08 -0.38 14.08
N ILE A 680 46.11 -0.87 13.31
CA ILE A 680 44.77 -0.32 13.36
C ILE A 680 43.94 -0.94 14.48
N VAL A 681 44.00 -2.26 14.63
CA VAL A 681 43.07 -2.97 15.51
C VAL A 681 43.57 -3.00 16.95
N ASP A 682 44.81 -3.41 17.16
CA ASP A 682 45.30 -3.63 18.52
C ASP A 682 45.07 -2.44 19.45
N PRO A 683 45.30 -1.19 19.05
CA PRO A 683 45.04 -0.09 19.98
C PRO A 683 43.60 -0.05 20.49
N GLU A 684 42.64 -0.51 19.70
CA GLU A 684 41.24 -0.48 20.14
C GLU A 684 40.94 -1.67 21.04
N LEU A 685 41.25 -2.87 20.59
CA LEU A 685 40.99 -4.06 21.38
C LEU A 685 41.83 -4.14 22.64
N LEU A 686 42.86 -3.31 22.76
CA LEU A 686 43.71 -3.35 23.95
C LEU A 686 42.94 -3.10 25.23
N ALA A 687 41.79 -2.42 25.14
CA ALA A 687 41.01 -2.15 26.34
C ALA A 687 40.52 -3.44 27.00
N TRP A 688 40.30 -4.50 26.22
CA TRP A 688 39.85 -5.76 26.79
C TRP A 688 40.88 -6.33 27.75
N SER A 689 42.16 -6.23 27.41
CA SER A 689 43.22 -6.86 28.18
C SER A 689 43.66 -6.04 29.38
N ASP A 690 43.09 -4.86 29.59
CA ASP A 690 43.46 -4.06 30.75
C ASP A 690 43.28 -4.86 32.03
N LYS A 691 44.32 -4.88 32.86
CA LYS A 691 44.31 -5.76 34.02
C LYS A 691 43.20 -5.37 34.99
N THR A 692 43.00 -4.07 35.21
CA THR A 692 41.93 -3.64 36.11
C THR A 692 40.58 -4.17 35.64
N THR A 693 40.26 -3.98 34.36
CA THR A 693 39.00 -4.48 33.84
C THR A 693 38.96 -6.01 33.90
N VAL A 694 40.06 -6.66 33.53
CA VAL A 694 40.08 -8.13 33.53
C VAL A 694 39.74 -8.66 34.90
N VAL A 695 40.34 -8.11 35.96
CA VAL A 695 40.12 -8.64 37.29
C VAL A 695 38.77 -8.22 37.84
N GLY A 696 38.39 -6.96 37.67
CA GLY A 696 37.16 -6.48 38.27
C GLY A 696 35.89 -6.88 37.54
N LEU A 697 36.02 -7.36 36.30
CA LEU A 697 34.82 -7.72 35.54
C LEU A 697 34.10 -8.90 36.15
N SER A 698 34.76 -9.67 37.02
CA SER A 698 34.12 -10.79 37.69
C SER A 698 33.32 -10.35 38.92
N ASP A 699 33.46 -9.11 39.36
CA ASP A 699 32.76 -8.61 40.53
C ASP A 699 31.61 -7.71 40.10
N LEU A 700 30.40 -8.02 40.58
CA LEU A 700 29.24 -7.22 40.21
C LEU A 700 29.38 -5.79 40.73
N HIS A 701 29.86 -5.63 41.97
CA HIS A 701 29.99 -4.29 42.53
C HIS A 701 30.93 -3.44 41.69
N TRP A 702 32.08 -4.00 41.28
CA TRP A 702 32.98 -3.26 40.41
C TRP A 702 32.27 -2.87 39.12
N PHE A 703 31.42 -3.75 38.61
CA PHE A 703 30.64 -3.41 37.41
C PHE A 703 29.72 -2.24 37.67
N MET A 704 29.06 -2.22 38.83
CA MET A 704 28.18 -1.10 39.17
C MET A 704 28.96 0.20 39.26
N GLU A 705 30.11 0.16 39.94
CA GLU A 705 30.89 1.39 40.12
C GLU A 705 31.35 1.95 38.78
N ARG A 706 31.85 1.08 37.90
CA ARG A 706 32.29 1.55 36.58
C ARG A 706 31.11 2.11 35.80
N LEU A 707 29.95 1.46 35.89
CA LEU A 707 28.76 2.02 35.28
C LEU A 707 28.42 3.39 35.85
N GLY A 708 28.93 3.71 37.05
CA GLY A 708 28.74 5.01 37.65
C GLY A 708 27.65 5.10 38.67
N ILE A 709 27.01 3.98 39.01
CA ILE A 709 25.90 4.02 39.97
C ILE A 709 26.37 4.53 41.33
N VAL A 710 27.63 4.25 41.69
CA VAL A 710 28.16 4.79 42.95
C VAL A 710 28.16 6.31 42.91
N GLN A 711 28.61 6.89 41.79
CA GLN A 711 28.60 8.34 41.67
C GLN A 711 27.17 8.88 41.65
N ILE A 712 26.26 8.16 41.00
CA ILE A 712 24.86 8.57 41.02
C ILE A 712 24.35 8.64 42.46
N ALA A 713 24.75 7.67 43.28
CA ALA A 713 24.39 7.71 44.69
C ALA A 713 24.96 8.96 45.35
N GLU A 714 26.20 9.30 45.02
CA GLU A 714 26.79 10.54 45.54
C GLU A 714 26.00 11.75 45.06
N TYR A 715 25.61 11.77 43.79
CA TYR A 715 24.83 12.88 43.26
C TYR A 715 23.49 13.00 43.96
N PHE A 716 22.79 11.86 44.11
CA PHE A 716 21.50 11.88 44.80
C PHE A 716 21.65 12.36 46.25
N GLN A 717 22.69 11.89 46.93
CA GLN A 717 22.93 12.32 48.30
C GLN A 717 23.20 13.82 48.37
N ARG A 718 24.00 14.33 47.43
CA ARG A 718 24.30 15.75 47.42
C ARG A 718 23.05 16.57 47.18
N ARG A 719 22.17 16.11 46.30
CA ARG A 719 20.88 16.75 46.09
C ARG A 719 19.81 16.27 47.06
N ASP A 720 20.17 15.39 47.99
CA ASP A 720 19.23 14.91 49.01
C ASP A 720 17.96 14.34 48.36
N ILE A 721 18.17 13.54 47.32
CA ILE A 721 17.05 12.90 46.63
C ILE A 721 16.62 11.70 47.44
N ASP A 722 15.41 11.74 47.98
CA ASP A 722 14.92 10.66 48.83
C ASP A 722 14.77 9.38 48.01
N GLU A 723 14.95 8.24 48.69
CA GLU A 723 14.86 6.95 48.02
C GLU A 723 13.51 6.76 47.34
N ASN A 724 12.46 7.39 47.87
CA ASN A 724 11.12 7.28 47.30
C ASN A 724 10.71 8.54 46.53
N SER A 725 11.57 9.54 46.45
CA SER A 725 11.23 10.76 45.73
C SER A 725 10.88 10.44 44.29
N ASP A 726 9.85 11.09 43.77
CA ASP A 726 9.37 10.84 42.42
C ASP A 726 10.33 11.46 41.43
N LEU A 727 11.25 10.65 40.89
CA LEU A 727 12.15 11.12 39.85
C LEU A 727 11.41 11.46 38.56
N LEU A 728 10.15 11.05 38.43
CA LEU A 728 9.39 11.37 37.23
C LEU A 728 9.32 12.87 37.00
N SER A 729 9.25 13.65 38.07
CA SER A 729 9.12 15.10 37.98
C SER A 729 10.39 15.85 38.35
N ILE A 730 11.25 15.26 39.18
CA ILE A 730 12.43 16.00 39.63
C ILE A 730 13.28 16.38 38.42
N PRO A 731 13.65 17.64 38.24
CA PRO A 731 14.37 18.04 37.04
C PRO A 731 15.85 17.68 37.10
N ILE A 732 16.45 17.59 35.92
CA ILE A 732 17.87 17.35 35.78
C ILE A 732 18.58 18.70 35.73
N ASP A 733 19.80 18.74 36.26
CA ASP A 733 20.60 19.95 36.31
C ASP A 733 21.84 19.78 35.44
N ASP A 734 22.68 20.82 35.42
CA ASP A 734 23.90 20.77 34.62
C ASP A 734 24.84 19.69 35.13
N GLU A 735 24.94 19.54 36.45
CA GLU A 735 25.81 18.51 37.00
C GLU A 735 25.38 17.12 36.55
N GLY A 736 24.07 16.88 36.51
CA GLY A 736 23.59 15.58 36.06
C GLY A 736 23.99 15.29 34.63
N LYS A 737 23.81 16.27 33.75
CA LYS A 737 24.21 16.08 32.35
C LYS A 737 25.71 15.86 32.24
N GLU A 738 26.49 16.62 33.00
CA GLU A 738 27.94 16.45 32.97
C GLU A 738 28.33 15.05 33.41
N LEU A 739 27.73 14.56 34.49
CA LEU A 739 28.05 13.22 34.97
C LEU A 739 27.63 12.16 33.95
N LYS A 740 26.46 12.33 33.34
CA LYS A 740 26.01 11.37 32.35
C LYS A 740 26.96 11.33 31.16
N SER A 741 27.38 12.50 30.68
CA SER A 741 28.33 12.54 29.57
C SER A 741 29.64 11.88 29.97
N GLU A 742 30.12 12.15 31.18
CA GLU A 742 31.37 11.55 31.63
C GLU A 742 31.27 10.04 31.66
N LEU A 743 30.16 9.52 32.19
CA LEU A 743 29.99 8.07 32.29
C LEU A 743 29.89 7.44 30.90
N THR A 744 29.09 8.04 30.01
CA THR A 744 28.95 7.48 28.68
C THR A 744 30.30 7.47 27.96
N LYS A 745 31.06 8.55 28.06
CA LYS A 745 32.37 8.59 27.44
C LYS A 745 33.29 7.52 28.04
N ARG A 746 33.23 7.35 29.37
CA ARG A 746 34.00 6.30 30.01
C ARG A 746 33.52 4.92 29.59
N TRP A 747 32.20 4.73 29.51
CA TRP A 747 31.65 3.40 29.26
C TRP A 747 32.05 2.87 27.90
N GLN A 748 31.88 3.68 26.86
CA GLN A 748 32.12 3.20 25.50
C GLN A 748 33.56 2.74 25.32
N SER A 749 34.51 3.53 25.81
CA SER A 749 35.92 3.17 25.67
C SER A 749 36.32 2.06 26.65
N LEU A 750 35.55 1.85 27.72
CA LEU A 750 35.91 0.84 28.69
C LEU A 750 35.64 -0.57 28.14
N PHE A 751 34.56 -0.73 27.38
CA PHE A 751 34.17 -2.02 26.80
C PHE A 751 33.97 -1.80 25.30
N PRO A 752 35.04 -1.83 24.52
CA PRO A 752 34.91 -1.50 23.10
C PRO A 752 34.18 -2.57 22.31
N VAL A 753 32.91 -2.80 22.64
CA VAL A 753 32.14 -3.80 21.92
C VAL A 753 31.87 -3.35 20.48
N ARG A 754 31.57 -2.07 20.29
CA ARG A 754 31.29 -1.60 18.94
C ARG A 754 32.52 -1.70 18.06
N ALA A 755 33.69 -1.34 18.59
CA ALA A 755 34.90 -1.46 17.80
C ALA A 755 35.15 -2.90 17.39
N THR A 756 34.99 -3.84 18.33
CA THR A 756 35.19 -5.24 18.00
C THR A 756 34.21 -5.71 16.94
N ARG A 757 32.95 -5.37 17.06
CA ARG A 757 31.92 -5.83 16.10
C ARG A 757 32.14 -5.16 14.76
N MET A 758 32.60 -3.92 14.69
CA MET A 758 32.89 -3.29 13.40
C MET A 758 34.09 -3.93 12.73
N PHE A 759 35.18 -4.12 13.48
CA PHE A 759 36.39 -4.66 12.88
C PHE A 759 36.17 -6.09 12.41
N ILE A 760 35.51 -6.92 13.21
CA ILE A 760 35.32 -8.32 12.82
C ILE A 760 34.35 -8.41 11.66
N HIS A 761 33.25 -7.65 11.70
CA HIS A 761 32.23 -7.76 10.67
C HIS A 761 32.77 -7.38 9.30
N TYR A 762 33.39 -6.19 9.20
CA TYR A 762 33.93 -5.76 7.92
C TYR A 762 35.12 -6.61 7.50
N SER A 763 35.86 -7.16 8.46
CA SER A 763 37.00 -8.00 8.12
C SER A 763 36.55 -9.22 7.34
N MET A 764 35.43 -9.83 7.73
CA MET A 764 34.93 -11.04 7.10
C MET A 764 33.81 -10.77 6.10
N GLN A 765 33.62 -9.51 5.70
CA GLN A 765 32.43 -9.15 4.95
C GLN A 765 32.44 -9.76 3.55
N SER A 766 33.57 -9.67 2.85
CA SER A 766 33.62 -9.96 1.41
C SER A 766 34.70 -10.98 1.10
N ILE A 767 34.70 -12.11 1.82
CA ILE A 767 35.67 -13.15 1.55
C ILE A 767 35.51 -13.64 0.12
N LYS A 768 36.62 -13.89 -0.55
CA LYS A 768 36.64 -14.34 -1.94
C LYS A 768 37.11 -15.77 -2.10
N THR A 769 38.14 -16.19 -1.37
CA THR A 769 38.71 -17.52 -1.50
C THR A 769 38.94 -18.11 -0.13
N ASP A 770 38.96 -19.45 -0.08
CA ASP A 770 39.19 -20.13 1.19
C ASP A 770 40.53 -19.75 1.79
N GLU A 771 41.53 -19.46 0.96
CA GLU A 771 42.83 -19.05 1.48
C GLU A 771 42.71 -17.75 2.26
N GLU A 772 41.95 -16.79 1.73
CA GLU A 772 41.77 -15.53 2.45
C GLU A 772 41.09 -15.75 3.79
N PHE A 773 40.10 -16.65 3.82
CA PHE A 773 39.41 -16.93 5.07
C PHE A 773 40.38 -17.49 6.11
N LYS A 774 41.24 -18.42 5.69
CA LYS A 774 42.23 -18.98 6.63
C LYS A 774 43.22 -17.91 7.06
N MET A 775 43.63 -17.03 6.15
CA MET A 775 44.56 -15.97 6.51
C MET A 775 43.95 -15.07 7.57
N LEU A 776 42.68 -14.69 7.39
CA LEU A 776 42.01 -13.88 8.40
C LEU A 776 41.89 -14.62 9.72
N GLN A 777 41.52 -15.91 9.66
CA GLN A 777 41.44 -16.69 10.89
C GLN A 777 42.75 -16.63 11.65
N ASP A 778 43.86 -16.85 10.96
CA ASP A 778 45.17 -16.72 11.60
C ASP A 778 45.41 -15.31 12.08
N LEU A 779 44.68 -14.33 11.54
CA LEU A 779 44.86 -12.93 11.91
C LEU A 779 44.05 -12.56 13.16
N TRP A 780 42.84 -13.08 13.27
CA TRP A 780 41.99 -12.80 14.42
C TRP A 780 42.24 -13.73 15.59
N ARG A 781 42.62 -14.99 15.32
CA ARG A 781 42.82 -15.97 16.38
C ARG A 781 43.74 -15.47 17.48
N PRO A 782 44.88 -14.85 17.19
CA PRO A 782 45.78 -14.46 18.28
C PRO A 782 45.18 -13.44 19.24
N ARG A 783 44.16 -12.70 18.82
CA ARG A 783 43.64 -11.59 19.60
C ARG A 783 42.15 -11.68 19.90
N ILE A 784 41.48 -12.75 19.50
CA ILE A 784 40.07 -12.96 19.83
C ILE A 784 39.91 -14.01 20.92
N VAL A 785 40.63 -15.13 20.79
CA VAL A 785 40.55 -16.17 21.83
C VAL A 785 40.95 -15.61 23.19
N PRO A 786 42.02 -14.82 23.32
CA PRO A 786 42.37 -14.31 24.66
C PRO A 786 41.26 -13.50 25.31
N ILE A 787 40.48 -12.75 24.52
CA ILE A 787 39.48 -11.86 25.09
C ILE A 787 38.10 -12.49 25.19
N LEU A 788 37.89 -13.66 24.60
CA LEU A 788 36.56 -14.27 24.66
C LEU A 788 36.07 -14.45 26.09
N PRO A 789 36.88 -14.92 27.04
CA PRO A 789 36.39 -14.97 28.43
C PRO A 789 35.93 -13.62 28.93
N TYR A 790 36.63 -12.55 28.58
CA TYR A 790 36.22 -11.22 29.06
C TYR A 790 34.92 -10.79 28.43
N ILE A 791 34.73 -11.06 27.13
CA ILE A 791 33.48 -10.70 26.48
C ILE A 791 32.33 -11.47 27.09
N THR A 792 32.53 -12.77 27.34
CA THR A 792 31.44 -13.56 27.90
C THR A 792 31.15 -13.13 29.34
N ARG A 793 32.19 -12.74 30.11
CA ARG A 793 31.95 -12.21 31.44
C ARG A 793 31.15 -10.91 31.37
N LEU A 794 31.49 -10.02 30.43
CA LEU A 794 30.72 -8.80 30.29
C LEU A 794 29.26 -9.10 30.00
N LEU A 795 29.00 -10.06 29.11
CA LEU A 795 27.61 -10.45 28.89
C LEU A 795 27.00 -11.04 30.15
N TYR A 796 27.81 -11.72 30.96
CA TYR A 796 27.32 -12.27 32.22
C TYR A 796 26.91 -11.17 33.18
N GLN A 797 27.73 -10.12 33.30
CA GLN A 797 27.40 -9.05 34.22
C GLN A 797 26.12 -8.33 33.80
N LEU A 798 26.03 -7.96 32.52
CA LEU A 798 24.80 -7.34 32.04
C LEU A 798 23.60 -8.22 32.30
N GLN A 799 23.80 -9.54 32.30
CA GLN A 799 22.69 -10.45 32.55
C GLN A 799 22.31 -10.42 34.03
N SER A 800 23.30 -10.45 34.92
CA SER A 800 23.02 -10.43 36.35
C SER A 800 22.65 -9.05 36.86
N TYR A 801 22.92 -8.00 36.08
CA TYR A 801 22.52 -6.66 36.50
C TYR A 801 21.02 -6.54 36.63
N HIS A 802 20.26 -7.31 35.85
CA HIS A 802 18.81 -7.29 35.93
C HIS A 802 18.27 -8.08 37.11
N ASP A 803 19.10 -8.87 37.78
CA ASP A 803 18.62 -9.66 38.90
C ASP A 803 18.40 -8.76 40.11
N PRO A 804 17.18 -8.67 40.66
CA PRO A 804 16.95 -7.72 41.75
C PRO A 804 17.87 -7.92 42.94
N ASP A 805 18.16 -9.18 43.29
CA ASP A 805 18.96 -9.44 44.49
C ASP A 805 20.35 -8.83 44.37
N ASN A 806 20.87 -8.69 43.16
CA ASN A 806 22.24 -8.20 42.99
C ASN A 806 22.38 -6.78 43.51
N TRP A 807 21.42 -5.91 43.21
CA TRP A 807 21.48 -4.53 43.67
C TRP A 807 20.93 -4.36 45.08
N LYS A 808 20.69 -5.45 45.79
CA LYS A 808 20.20 -5.35 47.17
C LYS A 808 21.22 -4.62 48.04
N GLY A 809 22.50 -4.91 47.87
CA GLY A 809 23.54 -4.22 48.61
C GLY A 809 23.79 -2.80 48.13
N LEU A 810 23.17 -2.40 47.03
CA LEU A 810 23.33 -1.05 46.53
C LEU A 810 22.69 -0.06 47.49
N PRO A 811 23.20 1.17 47.56
CA PRO A 811 22.59 2.17 48.45
C PRO A 811 21.11 2.36 48.14
N THR A 812 20.33 2.56 49.21
CA THR A 812 18.88 2.61 49.07
C THR A 812 18.42 3.80 48.24
N VAL A 813 19.17 4.91 48.28
CA VAL A 813 18.75 6.10 47.54
C VAL A 813 18.63 5.80 46.05
N VAL A 814 19.56 5.01 45.52
CA VAL A 814 19.57 4.68 44.09
C VAL A 814 18.76 3.44 43.77
N GLN A 815 18.21 2.76 44.79
CA GLN A 815 17.47 1.53 44.54
C GLN A 815 16.37 1.73 43.51
N SER A 816 15.68 2.87 43.58
CA SER A 816 14.65 3.17 42.59
C SER A 816 15.27 3.50 41.24
N PHE A 817 16.42 4.19 41.25
CA PHE A 817 17.05 4.57 39.99
C PHE A 817 17.42 3.34 39.17
N VAL A 818 18.14 2.40 39.78
CA VAL A 818 18.53 1.19 39.07
C VAL A 818 17.30 0.40 38.65
N LYS A 819 16.28 0.36 39.50
CA LYS A 819 15.05 -0.34 39.15
C LYS A 819 14.42 0.29 37.92
N TYR A 820 14.39 1.61 37.84
CA TYR A 820 13.94 2.26 36.62
C TYR A 820 14.79 1.85 35.44
N SER A 821 16.11 1.76 35.64
CA SER A 821 17.00 1.38 34.56
C SER A 821 16.64 0.01 34.02
N THR A 822 16.33 -0.94 34.89
CA THR A 822 15.96 -2.27 34.44
C THR A 822 14.68 -2.23 33.62
N ILE A 823 13.72 -1.38 34.01
CA ILE A 823 12.45 -1.31 33.31
C ILE A 823 12.70 -0.96 31.85
N GLU A 824 12.05 -1.70 30.95
CA GLU A 824 12.18 -1.47 29.53
C GLU A 824 11.05 -0.57 29.03
N ARG A 825 11.27 0.01 27.85
CA ARG A 825 10.31 0.94 27.26
C ARG A 825 10.25 2.24 28.06
N ALA A 846 14.83 15.01 24.44
CA ALA A 846 16.04 14.94 25.26
C ALA A 846 15.69 14.63 26.71
N MET A 847 16.69 14.21 27.48
CA MET A 847 16.49 13.88 28.88
C MET A 847 16.41 15.16 29.71
N GLN A 848 15.36 15.26 30.53
CA GLN A 848 15.14 16.42 31.38
C GLN A 848 14.78 16.07 32.82
N THR A 849 14.26 14.88 33.09
CA THR A 849 13.89 14.45 34.42
C THR A 849 14.75 13.26 34.84
N LEU A 850 14.94 13.13 36.15
CA LEU A 850 15.78 12.05 36.66
C LEU A 850 15.27 10.68 36.23
N ARG A 851 13.95 10.54 36.06
CA ARG A 851 13.44 9.28 35.53
C ARG A 851 13.97 9.03 34.13
N ASP A 852 14.04 10.07 33.30
CA ASP A 852 14.66 9.92 32.00
C ASP A 852 16.15 9.63 32.12
N PHE A 853 16.80 10.12 33.17
CA PHE A 853 18.20 9.76 33.39
C PHE A 853 18.34 8.26 33.65
N ALA A 854 17.49 7.71 34.50
CA ALA A 854 17.51 6.27 34.75
C ALA A 854 17.17 5.50 33.47
N ASP A 855 16.22 6.01 32.71
CA ASP A 855 15.87 5.35 31.44
C ASP A 855 17.05 5.36 30.48
N SER A 856 17.82 6.45 30.46
CA SER A 856 18.99 6.51 29.59
C SER A 856 20.07 5.55 30.06
N VAL A 857 20.24 5.40 31.38
CA VAL A 857 21.18 4.40 31.87
C VAL A 857 20.74 3.00 31.46
N GLY A 858 19.44 2.73 31.57
CA GLY A 858 18.93 1.45 31.09
C GLY A 858 19.16 1.25 29.61
N HIS A 859 19.02 2.33 28.83
CA HIS A 859 19.31 2.25 27.41
C HIS A 859 20.78 1.95 27.16
N ILE A 860 21.67 2.52 27.96
CA ILE A 860 23.09 2.21 27.84
C ILE A 860 23.32 0.73 28.10
N ILE A 861 22.68 0.20 29.15
CA ILE A 861 22.87 -1.21 29.48
C ILE A 861 22.34 -2.09 28.34
N ARG A 862 21.15 -1.78 27.83
CA ARG A 862 20.62 -2.59 26.73
C ARG A 862 21.48 -2.49 25.49
N TYR A 863 21.95 -1.29 25.16
CA TYR A 863 22.81 -1.11 23.99
C TYR A 863 24.09 -1.91 24.13
N THR A 864 24.71 -1.89 25.31
CA THR A 864 25.90 -2.71 25.52
C THR A 864 25.55 -4.18 25.43
N ARG A 865 24.35 -4.57 25.88
CA ARG A 865 23.98 -5.97 25.82
C ARG A 865 23.76 -6.42 24.38
N GLU A 866 23.20 -5.56 23.53
CA GLU A 866 22.99 -5.95 22.15
C GLU A 866 24.31 -6.05 21.40
N TYR A 867 25.22 -5.11 21.62
CA TYR A 867 26.49 -5.15 20.91
C TYR A 867 27.37 -6.29 21.38
N THR A 868 27.33 -6.63 22.68
CA THR A 868 28.12 -7.76 23.12
C THR A 868 27.58 -9.07 22.58
N LEU A 869 26.26 -9.15 22.32
CA LEU A 869 25.74 -10.28 21.58
C LEU A 869 26.25 -10.28 20.15
N LEU A 870 26.25 -9.12 19.50
CA LEU A 870 26.69 -9.02 18.10
C LEU A 870 28.19 -9.30 18.03
N VAL A 871 28.98 -8.98 19.03
CA VAL A 871 30.38 -9.36 19.06
C VAL A 871 30.51 -10.88 19.07
N LEU A 872 29.66 -11.55 19.85
CA LEU A 872 29.72 -13.00 19.90
C LEU A 872 29.31 -13.63 18.58
N SER A 873 28.30 -13.08 17.92
CA SER A 873 27.93 -13.59 16.60
C SER A 873 29.07 -13.43 15.61
N ALA A 874 29.73 -12.26 15.62
CA ALA A 874 30.83 -12.04 14.70
C ALA A 874 32.00 -12.97 15.00
N ILE A 875 32.29 -13.18 16.29
CA ILE A 875 33.32 -14.17 16.64
C ILE A 875 32.90 -15.53 16.13
N SER A 876 31.59 -15.81 16.11
CA SER A 876 31.11 -17.04 15.52
C SER A 876 31.47 -17.10 14.04
N SER A 877 31.34 -15.98 13.33
CA SER A 877 31.66 -15.96 11.91
C SER A 877 33.07 -16.46 11.64
N LEU A 878 33.97 -16.31 12.61
CA LEU A 878 35.35 -16.79 12.43
C LEU A 878 35.44 -18.30 12.37
N GLY A 879 34.33 -19.02 12.46
CA GLY A 879 34.34 -20.45 12.21
C GLY A 879 35.18 -21.21 13.21
N SER A 880 36.14 -21.99 12.71
CA SER A 880 36.86 -22.94 13.54
C SER A 880 37.55 -22.26 14.72
N VAL A 881 37.88 -20.97 14.59
CA VAL A 881 38.55 -20.27 15.68
C VAL A 881 37.69 -20.31 16.93
N PHE A 882 36.38 -20.13 16.78
CA PHE A 882 35.46 -20.07 17.90
C PHE A 882 34.78 -21.40 18.21
N TYR A 883 34.34 -22.13 17.18
CA TYR A 883 33.59 -23.36 17.42
C TYR A 883 34.49 -24.47 17.94
N LEU A 884 35.60 -24.73 17.26
CA LEU A 884 36.46 -25.83 17.65
C LEU A 884 37.13 -25.61 19.00
N LEU A 885 36.92 -24.46 19.63
CA LEU A 885 37.44 -24.24 20.97
C LEU A 885 36.57 -24.97 21.98
N ASP A 886 37.19 -25.78 22.82
CA ASP A 886 36.45 -26.67 23.71
C ASP A 886 35.63 -25.88 24.74
N GLU A 887 36.19 -24.79 25.27
CA GLU A 887 35.55 -24.06 26.35
C GLU A 887 34.45 -23.11 25.89
N SER A 888 34.34 -22.87 24.58
CA SER A 888 33.39 -21.88 24.10
C SER A 888 31.95 -22.18 24.50
N PRO A 889 31.45 -23.42 24.38
CA PRO A 889 30.06 -23.67 24.79
C PRO A 889 29.81 -23.34 26.25
N ASP A 890 30.72 -23.80 27.13
CA ASP A 890 30.57 -23.53 28.55
C ASP A 890 30.58 -22.03 28.81
N LEU A 891 31.56 -21.32 28.23
CA LEU A 891 31.60 -19.87 28.45
C LEU A 891 30.29 -19.23 28.03
N LEU A 892 29.84 -19.50 26.81
CA LEU A 892 28.67 -18.82 26.28
C LEU A 892 27.44 -19.11 27.14
N LEU A 893 27.16 -20.38 27.42
CA LEU A 893 25.95 -20.71 28.15
C LEU A 893 26.02 -20.23 29.59
N ASN A 894 27.12 -20.51 30.28
CA ASN A 894 27.25 -20.04 31.66
C ASN A 894 27.20 -18.52 31.74
N SER A 895 27.47 -17.82 30.64
CA SER A 895 27.35 -16.37 30.65
C SER A 895 25.95 -15.91 30.32
N ILE A 896 25.15 -16.72 29.62
CA ILE A 896 23.76 -16.37 29.39
C ILE A 896 22.80 -17.04 30.37
N ALA A 897 23.23 -18.10 31.06
CA ALA A 897 22.32 -18.84 31.92
C ALA A 897 22.03 -18.08 33.21
N ILE A 898 23.05 -17.84 34.03
CA ILE A 898 22.87 -17.17 35.31
C ILE A 898 21.95 -18.00 36.19
N PHE A 899 22.46 -19.10 36.74
CA PHE A 899 21.63 -20.01 37.57
C PHE A 899 21.76 -19.64 39.02
N LYS A 900 20.65 -19.37 39.69
CA LYS A 900 20.64 -19.00 41.09
C LYS A 900 21.15 -20.18 41.95
N PRO A 901 21.70 -19.90 43.13
CA PRO A 901 22.19 -20.99 43.97
C PRO A 901 21.12 -22.01 44.31
N GLY A 902 20.03 -21.55 44.93
CA GLY A 902 18.98 -22.45 45.36
C GLY A 902 17.85 -22.58 44.38
N SER A 903 17.30 -21.46 43.93
CA SER A 903 16.16 -21.49 43.03
C SER A 903 16.59 -21.89 41.62
N ASN A 904 15.64 -22.44 40.86
CA ASN A 904 15.86 -22.82 39.48
C ASN A 904 15.53 -21.69 38.51
N GLU A 905 15.53 -20.45 38.97
CA GLU A 905 15.27 -19.33 38.10
C GLU A 905 16.40 -19.17 37.08
N ILE A 906 16.04 -18.82 35.85
CA ILE A 906 16.99 -18.62 34.76
C ILE A 906 17.10 -17.12 34.53
N SER A 907 18.28 -16.57 34.82
CA SER A 907 18.54 -15.15 34.62
C SER A 907 17.42 -14.33 35.24
N PRO A 908 17.33 -14.28 36.57
CA PRO A 908 16.21 -13.59 37.20
C PRO A 908 16.17 -12.12 36.80
N GLY A 909 14.95 -11.61 36.60
CA GLY A 909 14.74 -10.20 36.38
C GLY A 909 15.03 -9.73 34.96
N VAL A 910 15.39 -10.62 34.06
CA VAL A 910 15.69 -10.24 32.69
C VAL A 910 14.41 -10.26 31.87
N SER A 911 14.20 -9.22 31.08
CA SER A 911 12.96 -9.08 30.33
C SER A 911 12.84 -10.17 29.27
N THR A 912 11.59 -10.50 28.92
CA THR A 912 11.35 -11.46 27.85
C THR A 912 11.86 -10.92 26.52
N HIS A 913 11.70 -9.62 26.28
CA HIS A 913 12.28 -9.02 25.08
C HIS A 913 13.79 -9.22 25.06
N GLY A 914 14.44 -9.13 26.22
CA GLY A 914 15.85 -9.40 26.29
C GLY A 914 16.19 -10.81 25.85
N TRP A 915 15.41 -11.79 26.30
CA TRP A 915 15.64 -13.17 25.87
C TRP A 915 15.40 -13.34 24.39
N LYS A 916 14.36 -12.69 23.86
CA LYS A 916 14.11 -12.76 22.43
C LYS A 916 15.32 -12.27 21.65
N HIS A 917 15.85 -11.10 22.03
CA HIS A 917 17.02 -10.57 21.35
C HIS A 917 18.21 -11.48 21.53
N ILE A 918 18.44 -11.99 22.74
CA ILE A 918 19.55 -12.90 22.97
C ILE A 918 19.49 -14.06 22.00
N MET A 919 18.39 -14.82 22.06
CA MET A 919 18.23 -15.96 21.17
C MET A 919 18.47 -15.55 19.73
N ASN A 920 17.64 -14.64 19.23
CA ASN A 920 17.65 -14.34 17.80
C ASN A 920 19.03 -13.89 17.33
N ILE A 921 19.70 -13.04 18.10
CA ILE A 921 20.92 -12.41 17.62
C ILE A 921 22.19 -13.21 17.93
N ALA A 922 22.14 -14.13 18.89
CA ALA A 922 23.33 -14.91 19.22
C ALA A 922 23.16 -16.39 18.93
N ILE A 923 22.13 -17.02 19.48
CA ILE A 923 22.07 -18.48 19.45
C ILE A 923 21.81 -18.97 18.02
N ARG A 924 20.87 -18.35 17.33
CA ARG A 924 20.61 -18.75 15.95
C ARG A 924 21.83 -18.57 15.07
N PRO A 925 22.46 -17.40 15.01
CA PRO A 925 23.71 -17.29 14.25
C PRO A 925 24.79 -18.25 14.72
N ILE A 926 24.92 -18.44 16.03
CA ILE A 926 25.96 -19.31 16.54
C ILE A 926 25.69 -20.77 16.25
N LEU A 927 24.42 -21.14 16.08
CA LEU A 927 24.10 -22.52 15.72
C LEU A 927 24.23 -22.73 14.22
N LYS A 928 23.48 -21.95 13.43
CA LYS A 928 23.54 -22.10 11.98
C LYS A 928 24.94 -21.89 11.44
N GLY A 929 25.76 -21.13 12.15
CA GLY A 929 27.11 -20.86 11.71
C GLY A 929 28.13 -21.92 12.05
N CYS A 930 27.70 -23.07 12.53
CA CYS A 930 28.65 -24.12 12.87
C CYS A 930 29.37 -24.60 11.61
N PRO A 931 30.66 -24.93 11.69
CA PRO A 931 31.32 -25.58 10.56
C PRO A 931 31.02 -27.07 10.54
N LYS A 932 30.70 -27.57 9.35
CA LYS A 932 30.25 -28.94 9.22
C LYS A 932 31.31 -29.95 9.64
N ASP A 933 32.57 -29.54 9.72
CA ASP A 933 33.63 -30.41 10.21
C ASP A 933 33.88 -30.25 11.71
N CYS A 934 33.14 -29.36 12.39
CA CYS A 934 33.32 -29.14 13.81
C CYS A 934 32.09 -29.52 14.63
N LEU A 935 31.01 -29.97 13.99
CA LEU A 935 29.83 -30.39 14.74
C LEU A 935 30.13 -31.55 15.68
N GLY A 936 31.21 -32.28 15.44
CA GLY A 936 31.54 -33.41 16.28
C GLY A 936 32.22 -33.07 17.59
N LYS A 937 32.57 -31.79 17.78
CA LYS A 937 33.28 -31.33 18.99
C LYS A 937 32.51 -30.24 19.73
N PHE A 938 31.77 -29.41 19.02
CA PHE A 938 31.05 -28.29 19.63
C PHE A 938 29.65 -28.68 20.06
N MET A 939 28.85 -29.20 19.13
CA MET A 939 27.46 -29.50 19.45
C MET A 939 27.31 -30.46 20.62
N PRO A 940 28.09 -31.53 20.73
CA PRO A 940 27.89 -32.45 21.87
C PRO A 940 27.98 -31.77 23.22
N ALA A 941 28.88 -30.80 23.36
CA ALA A 941 29.06 -30.08 24.62
C ALA A 941 28.20 -28.83 24.71
N PHE A 942 27.37 -28.56 23.71
CA PHE A 942 26.55 -27.36 23.68
C PHE A 942 25.06 -27.66 23.62
N LEU A 943 24.65 -28.63 22.81
CA LEU A 943 23.23 -28.93 22.69
C LEU A 943 22.59 -29.36 24.01
N PRO A 944 23.21 -30.21 24.83
CA PRO A 944 22.56 -30.62 26.08
C PRO A 944 22.21 -29.43 26.95
N LYS A 945 23.23 -28.63 27.27
CA LYS A 945 23.03 -27.48 28.14
C LYS A 945 22.09 -26.47 27.51
N LEU A 946 22.22 -26.22 26.21
CA LEU A 946 21.33 -25.27 25.56
C LEU A 946 19.88 -25.72 25.66
N PHE A 947 19.63 -27.01 25.40
CA PHE A 947 18.27 -27.51 25.47
C PHE A 947 17.72 -27.44 26.88
N GLU A 948 18.53 -27.80 27.88
CA GLU A 948 18.05 -27.70 29.25
C GLU A 948 17.71 -26.26 29.61
N ILE A 949 18.59 -25.33 29.23
CA ILE A 949 18.36 -23.92 29.53
C ILE A 949 17.09 -23.45 28.86
N LEU A 950 16.90 -23.80 27.59
CA LEU A 950 15.73 -23.34 26.85
C LEU A 950 14.46 -23.93 27.44
N ASP A 951 14.49 -25.21 27.81
CA ASP A 951 13.32 -25.83 28.42
C ASP A 951 12.96 -25.13 29.73
N LEU A 952 13.97 -24.95 30.59
CA LEU A 952 13.79 -24.30 31.92
C LEU A 952 13.25 -22.89 31.74
N LEU A 953 13.76 -22.13 30.77
CA LEU A 953 13.34 -20.76 30.53
C LEU A 953 11.90 -20.71 30.02
N LEU A 954 11.57 -21.56 29.05
CA LEU A 954 10.26 -21.49 28.44
C LEU A 954 9.19 -21.98 29.40
N CYS A 955 9.48 -23.04 30.16
CA CYS A 955 8.53 -23.50 31.17
C CYS A 955 8.29 -22.43 32.23
N GLN A 956 9.36 -21.78 32.69
CA GLN A 956 9.21 -20.71 33.67
C GLN A 956 8.37 -19.56 33.10
N LYS A 957 8.63 -19.18 31.85
CA LYS A 957 7.85 -18.10 31.25
C LYS A 957 6.39 -18.47 31.13
N TRP A 958 6.10 -19.70 30.70
CA TRP A 958 4.71 -20.14 30.58
C TRP A 958 4.09 -20.49 31.92
N SER A 959 4.90 -20.75 32.95
CA SER A 959 4.34 -21.07 34.25
C SER A 959 3.47 -19.93 34.78
N SER A 960 3.82 -18.69 34.45
CA SER A 960 3.04 -17.54 34.89
C SER A 960 1.73 -17.40 34.14
N HIS A 961 1.50 -18.17 33.08
CA HIS A 961 0.29 -18.07 32.30
C HIS A 961 -0.33 -19.44 32.03
N THR A 978 -2.28 -3.68 25.59
CA THR A 978 -2.02 -3.32 26.99
C THR A 978 -0.81 -4.08 27.51
N GLU A 979 -0.41 -3.75 28.75
CA GLU A 979 0.81 -4.32 29.32
C GLU A 979 0.77 -5.84 29.29
N GLU A 980 -0.33 -6.44 29.77
CA GLU A 980 -0.44 -7.89 29.76
C GLU A 980 -0.44 -8.44 28.34
N ILE A 981 -1.15 -7.76 27.43
CA ILE A 981 -1.17 -8.21 26.04
C ILE A 981 0.20 -8.05 25.41
N LEU A 982 0.91 -6.97 25.73
CA LEU A 982 2.27 -6.81 25.22
C LEU A 982 3.18 -7.91 25.72
N GLU A 983 3.08 -8.26 27.00
CA GLU A 983 3.87 -9.37 27.53
C GLU A 983 3.52 -10.68 26.84
N GLU A 984 2.23 -10.91 26.60
CA GLU A 984 1.81 -12.11 25.89
C GLU A 984 2.43 -12.15 24.50
N ASN A 985 2.40 -11.03 23.78
CA ASN A 985 2.98 -10.98 22.45
C ASN A 985 4.49 -11.23 22.48
N LEU A 986 5.18 -10.66 23.48
CA LEU A 986 6.60 -10.90 23.60
C LEU A 986 6.89 -12.38 23.84
N LEU A 987 6.08 -13.02 24.69
CA LEU A 987 6.25 -14.44 24.92
C LEU A 987 5.98 -15.24 23.65
N ARG A 988 4.98 -14.82 22.88
CA ARG A 988 4.71 -15.49 21.60
C ARG A 988 5.92 -15.37 20.68
N GLN A 989 6.53 -14.19 20.61
CA GLN A 989 7.70 -14.00 19.76
C GLN A 989 8.86 -14.86 20.23
N LEU A 990 9.07 -14.92 21.55
CA LEU A 990 10.15 -15.77 22.08
C LEU A 990 9.91 -17.23 21.74
N THR A 991 8.66 -17.69 21.87
CA THR A 991 8.35 -19.07 21.51
C THR A 991 8.57 -19.31 20.03
N THR A 992 8.20 -18.34 19.19
CA THR A 992 8.43 -18.47 17.76
C THR A 992 9.91 -18.61 17.46
N VAL A 993 10.74 -17.80 18.13
CA VAL A 993 12.18 -17.88 17.93
C VAL A 993 12.70 -19.24 18.36
N VAL A 994 12.24 -19.74 19.51
CA VAL A 994 12.69 -21.04 19.98
C VAL A 994 12.32 -22.12 18.98
N VAL A 995 11.09 -22.08 18.48
CA VAL A 995 10.66 -23.06 17.48
C VAL A 995 11.54 -22.96 16.25
N ARG A 996 11.81 -21.74 15.79
CA ARG A 996 12.69 -21.56 14.64
C ARG A 996 14.04 -22.22 14.89
N ILE A 997 14.58 -22.07 16.09
CA ILE A 997 15.83 -22.74 16.43
C ILE A 997 15.66 -24.24 16.29
N VAL A 998 14.55 -24.77 16.81
CA VAL A 998 14.30 -26.21 16.69
C VAL A 998 14.16 -26.60 15.22
N ILE A 999 13.40 -25.81 14.45
CA ILE A 999 13.23 -26.12 13.03
C ILE A 999 14.57 -26.10 12.32
N ASP A 1000 15.37 -25.06 12.59
CA ASP A 1000 16.68 -24.95 11.95
C ASP A 1000 17.63 -26.06 12.37
N CYS A 1001 17.31 -26.80 13.43
CA CYS A 1001 18.14 -27.91 13.87
C CYS A 1001 17.59 -29.27 13.47
N VAL A 1002 16.33 -29.34 13.06
CA VAL A 1002 15.72 -30.62 12.68
C VAL A 1002 14.59 -30.37 11.69
N ASN A 1017 18.33 -30.62 5.02
CA ASN A 1017 19.36 -29.95 4.25
C ASN A 1017 20.74 -30.45 4.65
N ASN A 1018 21.78 -29.74 4.19
CA ASN A 1018 23.15 -30.15 4.49
C ASN A 1018 23.41 -30.13 5.99
N HIS A 1019 22.94 -29.10 6.68
CA HIS A 1019 23.24 -28.95 8.09
C HIS A 1019 22.37 -29.89 8.94
N GLN A 1020 21.07 -29.89 8.70
CA GLN A 1020 20.17 -30.73 9.48
C GLN A 1020 20.53 -32.20 9.33
N MET A 1021 21.07 -32.60 8.17
CA MET A 1021 21.43 -33.99 7.98
C MET A 1021 22.43 -34.44 9.03
N GLU A 1022 23.46 -33.63 9.28
CA GLU A 1022 24.44 -33.97 10.30
C GLU A 1022 23.90 -33.73 11.70
N MET A 1023 23.08 -32.69 11.88
CA MET A 1023 22.60 -32.37 13.22
C MET A 1023 21.68 -33.45 13.74
N ARG A 1024 20.82 -34.01 12.88
CA ARG A 1024 19.97 -35.12 13.30
C ARG A 1024 20.79 -36.30 13.76
N LYS A 1025 21.84 -36.64 13.00
CA LYS A 1025 22.71 -37.74 13.38
C LYS A 1025 23.37 -37.48 14.73
N ILE A 1026 23.84 -36.25 14.94
CA ILE A 1026 24.50 -35.91 16.20
C ILE A 1026 23.52 -36.03 17.36
N ILE A 1027 22.31 -35.49 17.19
CA ILE A 1027 21.36 -35.45 18.29
C ILE A 1027 20.86 -36.85 18.64
N PHE A 1028 20.43 -37.61 17.63
CA PHE A 1028 19.76 -38.88 17.88
C PHE A 1028 20.71 -39.99 18.31
N ASN A 1029 22.02 -39.79 18.21
CA ASN A 1029 22.99 -40.79 18.61
C ASN A 1029 23.59 -40.53 19.99
N ASP A 1030 23.03 -39.60 20.74
CA ASP A 1030 23.49 -39.30 22.10
C ASP A 1030 22.28 -39.04 22.98
N LEU A 1031 22.10 -39.89 23.99
CA LEU A 1031 20.97 -39.70 24.90
C LEU A 1031 21.08 -38.38 25.65
N ASN A 1032 22.30 -37.99 26.02
CA ASN A 1032 22.48 -36.74 26.75
C ASN A 1032 21.85 -35.58 25.99
N THR A 1033 21.91 -35.62 24.66
CA THR A 1033 21.29 -34.58 23.85
C THR A 1033 19.83 -34.89 23.53
N LEU A 1034 19.49 -36.16 23.37
CA LEU A 1034 18.12 -36.50 22.98
C LEU A 1034 17.14 -36.19 24.10
N ALA A 1035 17.44 -36.65 25.32
CA ALA A 1035 16.48 -36.48 26.42
C ALA A 1035 16.14 -35.02 26.66
N PRO A 1036 17.10 -34.10 26.78
CA PRO A 1036 16.72 -32.68 26.84
C PRO A 1036 15.93 -32.24 25.63
N PHE A 1037 16.27 -32.75 24.45
CA PHE A 1037 15.52 -32.39 23.26
C PHE A 1037 14.08 -32.86 23.35
N LEU A 1038 13.87 -34.08 23.84
CA LEU A 1038 12.51 -34.58 24.02
C LEU A 1038 11.76 -33.75 25.06
N LYS A 1039 12.43 -33.38 26.15
CA LYS A 1039 11.81 -32.49 27.13
C LYS A 1039 11.37 -31.19 26.48
N LEU A 1040 12.25 -30.62 25.65
CA LEU A 1040 11.93 -29.36 24.99
C LEU A 1040 10.74 -29.52 24.06
N LEU A 1041 10.69 -30.61 23.30
CA LEU A 1041 9.56 -30.85 22.41
C LEU A 1041 8.28 -31.01 23.21
N ASN A 1042 8.34 -31.74 24.31
CA ASN A 1042 7.15 -31.95 25.14
C ASN A 1042 6.63 -30.63 25.68
N HIS A 1043 7.54 -29.76 26.12
CA HIS A 1043 7.12 -28.45 26.61
C HIS A 1043 6.55 -27.59 25.48
N LEU A 1044 7.16 -27.65 24.30
CA LEU A 1044 6.70 -26.81 23.19
C LEU A 1044 5.31 -27.21 22.73
N ILE A 1045 5.07 -28.51 22.57
CA ILE A 1045 3.80 -28.96 21.99
C ILE A 1045 2.62 -28.49 22.84
N SER A 1046 2.77 -28.49 24.16
CA SER A 1046 1.66 -28.25 25.06
C SER A 1046 1.38 -26.77 25.30
N PHE A 1047 2.20 -25.87 24.78
CA PHE A 1047 2.02 -24.45 25.07
C PHE A 1047 0.81 -23.90 24.32
N LYS A 1048 0.29 -22.78 24.83
CA LYS A 1048 -0.98 -22.25 24.36
C LYS A 1048 -0.92 -21.85 22.89
N ASP A 1049 0.18 -21.23 22.46
CA ASP A 1049 0.26 -20.72 21.10
C ASP A 1049 0.01 -21.84 20.09
N THR A 1050 -0.90 -21.58 19.16
CA THR A 1050 -1.29 -22.62 18.21
C THR A 1050 -0.18 -22.88 17.19
N LYS A 1051 0.44 -21.83 16.66
CA LYS A 1051 1.46 -22.02 15.64
C LYS A 1051 2.66 -22.78 16.20
N CYS A 1052 3.08 -22.46 17.43
CA CYS A 1052 4.20 -23.16 18.04
C CYS A 1052 3.90 -24.65 18.17
N SER A 1053 2.72 -24.98 18.69
CA SER A 1053 2.36 -26.38 18.84
C SER A 1053 2.27 -27.08 17.50
N PHE A 1054 1.71 -26.40 16.49
CA PHE A 1054 1.59 -26.99 15.16
C PHE A 1054 2.96 -27.32 14.59
N ASN A 1055 3.89 -26.36 14.65
CA ASN A 1055 5.22 -26.59 14.09
C ASN A 1055 5.98 -27.65 14.87
N SER A 1056 5.84 -27.65 16.20
CA SER A 1056 6.50 -28.68 17.00
C SER A 1056 5.95 -30.06 16.67
N ILE A 1057 4.63 -30.16 16.45
CA ILE A 1057 4.04 -31.43 16.08
C ILE A 1057 4.56 -31.88 14.72
N LEU A 1058 4.68 -30.95 13.78
CA LEU A 1058 5.28 -31.29 12.49
C LEU A 1058 6.70 -31.83 12.67
N VAL A 1059 7.49 -31.16 13.52
CA VAL A 1059 8.84 -31.61 13.78
C VAL A 1059 8.85 -33.02 14.36
N MET A 1060 7.98 -33.27 15.33
CA MET A 1060 7.89 -34.59 15.93
C MET A 1060 7.55 -35.64 14.88
N LYS A 1061 6.56 -35.35 14.04
CA LYS A 1061 6.23 -36.26 12.96
C LYS A 1061 7.45 -36.53 12.07
N CYS A 1062 8.25 -35.49 11.84
CA CYS A 1062 9.41 -35.65 10.95
C CYS A 1062 10.41 -36.66 11.51
N CYS A 1063 10.67 -36.62 12.82
CA CYS A 1063 11.75 -37.38 13.42
C CYS A 1063 11.27 -38.51 14.33
N LEU A 1064 9.96 -38.81 14.33
CA LEU A 1064 9.46 -39.84 15.24
C LEU A 1064 10.09 -41.19 14.96
N THR A 1065 10.23 -41.55 13.68
CA THR A 1065 10.74 -42.87 13.34
C THR A 1065 12.16 -43.09 13.82
N SER A 1066 12.95 -42.01 13.92
CA SER A 1066 14.35 -42.14 14.27
C SER A 1066 14.63 -42.09 15.76
N VAL A 1067 13.63 -41.77 16.58
CA VAL A 1067 13.85 -41.55 18.00
C VAL A 1067 13.27 -42.67 18.86
N LEU A 1068 12.15 -43.29 18.46
CA LEU A 1068 11.51 -44.28 19.31
C LEU A 1068 12.42 -45.47 19.61
N ASN A 1069 13.46 -45.68 18.81
CA ASN A 1069 14.36 -46.80 19.02
C ASN A 1069 14.91 -46.81 20.43
N THR A 1073 16.04 -44.78 28.08
CA THR A 1073 14.74 -44.52 28.69
C THR A 1073 13.89 -43.62 27.82
N VAL A 1074 14.26 -43.52 26.53
CA VAL A 1074 13.47 -42.74 25.58
C VAL A 1074 12.07 -43.33 25.48
N ASP A 1075 11.98 -44.65 25.40
CA ASP A 1075 10.67 -45.30 25.35
C ASP A 1075 9.86 -44.99 26.60
N GLU A 1076 10.50 -45.03 27.77
CA GLU A 1076 9.78 -44.75 29.01
C GLU A 1076 9.26 -43.32 29.04
N TYR A 1077 10.11 -42.37 28.63
CA TYR A 1077 9.67 -40.98 28.60
C TYR A 1077 8.52 -40.79 27.62
N PHE A 1078 8.62 -41.41 26.44
CA PHE A 1078 7.53 -41.30 25.47
C PHE A 1078 6.24 -41.85 26.06
N THR A 1079 6.31 -43.03 26.67
CA THR A 1079 5.11 -43.67 27.21
C THR A 1079 4.47 -42.83 28.30
N PHE A 1080 5.28 -42.32 29.23
CA PHE A 1080 4.73 -41.70 30.43
C PHE A 1080 4.42 -40.22 30.26
N GLU A 1081 5.28 -39.47 29.58
CA GLU A 1081 5.15 -38.03 29.45
C GLU A 1081 4.56 -37.60 28.12
N VAL A 1082 5.13 -38.10 27.01
CA VAL A 1082 4.71 -37.64 25.69
C VAL A 1082 3.24 -38.00 25.44
N MET A 1083 2.89 -39.26 25.65
CA MET A 1083 1.51 -39.68 25.39
C MET A 1083 0.55 -38.99 26.36
N LYS A 1084 0.88 -38.99 27.65
CA LYS A 1084 0.02 -38.35 28.63
C LYS A 1084 -0.12 -36.86 28.35
N ASN A 1085 1.01 -36.19 28.08
CA ASN A 1085 0.97 -34.76 27.85
C ASN A 1085 0.16 -34.43 26.59
N LEU A 1086 0.37 -35.17 25.51
CA LEU A 1086 -0.38 -34.92 24.28
C LEU A 1086 -1.87 -35.08 24.53
N LEU A 1087 -2.28 -36.16 25.17
CA LEU A 1087 -3.68 -36.43 25.45
C LEU A 1087 -4.26 -35.37 26.38
N SER A 1099 -4.13 -29.08 13.66
CA SER A 1099 -3.16 -29.56 14.63
C SER A 1099 -3.72 -30.74 15.41
N PHE A 1100 -5.02 -30.70 15.67
CA PHE A 1100 -5.65 -31.75 16.47
C PHE A 1100 -5.54 -33.09 15.77
N HIS A 1101 -5.90 -33.15 14.48
CA HIS A 1101 -5.89 -34.42 13.76
C HIS A 1101 -4.49 -34.99 13.66
N GLU A 1102 -3.51 -34.15 13.29
CA GLU A 1102 -2.14 -34.64 13.17
C GLU A 1102 -1.54 -34.99 14.52
N ALA A 1103 -1.91 -34.25 15.58
CA ALA A 1103 -1.46 -34.62 16.91
C ALA A 1103 -2.00 -36.00 17.29
N LEU A 1104 -3.27 -36.25 17.02
CA LEU A 1104 -3.84 -37.57 17.28
C LEU A 1104 -3.15 -38.63 16.43
N TYR A 1105 -2.81 -38.29 15.19
CA TYR A 1105 -2.10 -39.23 14.32
C TYR A 1105 -0.76 -39.61 14.92
N ALA A 1106 0.00 -38.63 15.39
CA ALA A 1106 1.27 -38.91 16.03
C ALA A 1106 1.09 -39.76 17.28
N PHE A 1107 0.07 -39.43 18.08
CA PHE A 1107 -0.21 -40.21 19.28
C PHE A 1107 -0.50 -41.66 18.94
N THR A 1108 -1.31 -41.89 17.91
CA THR A 1108 -1.64 -43.26 17.50
C THR A 1108 -0.41 -43.96 16.93
N VAL A 1109 0.44 -43.23 16.22
CA VAL A 1109 1.67 -43.82 15.70
C VAL A 1109 2.54 -44.30 16.86
N ILE A 1110 2.67 -43.49 17.89
CA ILE A 1110 3.43 -43.90 19.07
C ILE A 1110 2.80 -45.13 19.72
N PHE A 1111 1.48 -45.08 19.88
CA PHE A 1111 0.76 -46.17 20.54
C PHE A 1111 0.96 -47.49 19.81
N LEU A 1112 0.79 -47.48 18.49
CA LEU A 1112 0.83 -48.71 17.70
C LEU A 1112 2.06 -49.55 18.00
N THR A 1113 3.15 -48.91 18.42
CA THR A 1113 4.38 -49.62 18.76
C THR A 1113 4.56 -49.79 20.25
N LEU A 1114 4.33 -48.74 21.04
CA LEU A 1114 4.61 -48.82 22.47
C LEU A 1114 3.66 -49.80 23.16
N CYS A 1115 2.36 -49.69 22.88
CA CYS A 1115 1.39 -50.58 23.50
C CYS A 1115 1.35 -51.94 22.83
N LYS A 1116 1.84 -52.05 21.60
CA LYS A 1116 1.98 -53.36 20.96
C LYS A 1116 3.19 -54.12 21.48
N GLU A 1117 4.20 -53.42 21.98
CA GLU A 1117 5.37 -54.06 22.56
C GLU A 1117 5.30 -54.05 24.08
N SER A 1120 2.17 -52.84 30.04
CA SER A 1120 1.72 -51.86 31.03
C SER A 1120 1.43 -50.52 30.38
N ALA A 1121 2.01 -50.30 29.20
CA ALA A 1121 1.80 -49.03 28.50
C ALA A 1121 0.34 -48.84 28.16
N ARG A 1122 -0.33 -49.89 27.65
CA ARG A 1122 -1.73 -49.76 27.30
C ARG A 1122 -2.59 -49.51 28.54
N ALA A 1123 -2.29 -50.19 29.64
CA ALA A 1123 -3.05 -49.98 30.87
C ALA A 1123 -2.87 -48.54 31.36
N PHE A 1124 -1.64 -48.04 31.35
CA PHE A 1124 -1.40 -46.66 31.77
C PHE A 1124 -2.13 -45.68 30.87
N LEU A 1125 -2.12 -45.93 29.55
CA LEU A 1125 -2.84 -45.07 28.63
C LEU A 1125 -4.34 -45.08 28.94
N PHE A 1126 -4.90 -46.26 29.21
CA PHE A 1126 -6.32 -46.33 29.53
C PHE A 1126 -6.62 -45.57 30.81
N GLU A 1127 -5.75 -45.69 31.82
CA GLU A 1127 -5.92 -44.95 33.07
C GLU A 1127 -6.04 -43.46 32.81
N VAL B 11 -36.81 25.74 7.36
CA VAL B 11 -35.82 24.66 7.56
C VAL B 11 -35.90 23.67 6.40
N PRO B 12 -34.76 23.32 5.80
CA PRO B 12 -34.78 22.36 4.69
C PRO B 12 -35.03 20.94 5.18
N THR B 13 -35.34 20.08 4.22
CA THR B 13 -35.59 18.66 4.52
C THR B 13 -35.32 17.88 3.25
N PHE B 14 -34.25 17.09 3.25
CA PHE B 14 -33.83 16.34 2.08
C PHE B 14 -34.05 14.85 2.32
N LYS B 15 -34.76 14.20 1.40
CA LYS B 15 -34.98 12.76 1.49
C LYS B 15 -33.70 12.04 1.10
N LEU B 16 -33.15 11.27 2.03
CA LEU B 16 -31.93 10.52 1.82
C LEU B 16 -32.25 9.03 1.86
N VAL B 17 -31.81 8.30 0.84
CA VAL B 17 -32.03 6.87 0.75
C VAL B 17 -30.70 6.18 0.97
N LEU B 18 -30.65 5.28 1.94
CA LEU B 18 -29.46 4.51 2.25
C LEU B 18 -29.65 3.10 1.71
N VAL B 19 -28.75 2.68 0.83
CA VAL B 19 -28.86 1.40 0.14
C VAL B 19 -27.56 0.63 0.30
N GLY B 20 -27.67 -0.69 0.24
CA GLY B 20 -26.51 -1.55 0.37
C GLY B 20 -26.94 -2.96 0.67
N ASP B 21 -25.96 -3.86 0.58
CA ASP B 21 -26.21 -5.27 0.82
C ASP B 21 -26.63 -5.49 2.27
N GLY B 22 -27.44 -6.52 2.49
CA GLY B 22 -27.88 -6.82 3.84
C GLY B 22 -26.71 -7.10 4.76
N GLY B 23 -26.83 -6.63 6.00
CA GLY B 23 -25.78 -6.86 6.97
C GLY B 23 -24.57 -5.99 6.79
N THR B 24 -24.67 -4.92 5.99
CA THR B 24 -23.55 -4.02 5.77
C THR B 24 -23.42 -2.96 6.84
N GLY B 25 -24.42 -2.82 7.71
CA GLY B 25 -24.38 -1.83 8.76
C GLY B 25 -25.17 -0.58 8.50
N LYS B 26 -26.07 -0.58 7.51
CA LYS B 26 -26.88 0.60 7.25
C LYS B 26 -27.73 0.96 8.45
N THR B 27 -28.47 -0.01 8.98
CA THR B 27 -29.34 0.27 10.13
C THR B 27 -28.52 0.63 11.35
N THR B 28 -27.39 -0.04 11.57
CA THR B 28 -26.54 0.32 12.69
C THR B 28 -26.02 1.74 12.56
N PHE B 29 -25.61 2.13 11.35
CA PHE B 29 -25.12 3.49 11.12
C PHE B 29 -26.21 4.51 11.39
N VAL B 30 -27.40 4.26 10.87
CA VAL B 30 -28.52 5.19 11.09
C VAL B 30 -28.84 5.29 12.58
N LYS B 31 -28.86 4.15 13.28
CA LYS B 31 -29.16 4.16 14.70
C LYS B 31 -28.12 4.96 15.47
N ARG B 32 -26.83 4.69 15.21
CA ARG B 32 -25.80 5.40 15.94
C ARG B 32 -25.82 6.88 15.64
N HIS B 33 -26.32 7.28 14.47
CA HIS B 33 -26.52 8.71 14.25
C HIS B 33 -27.75 9.23 14.98
N LEU B 34 -28.76 8.38 15.18
CA LEU B 34 -29.91 8.80 15.98
C LEU B 34 -29.57 8.88 17.46
N THR B 35 -28.86 7.87 17.97
CA THR B 35 -28.46 7.82 19.37
C THR B 35 -27.01 7.36 19.43
N GLY B 36 -26.38 7.59 20.58
CA GLY B 36 -25.00 7.19 20.73
C GLY B 36 -24.78 5.69 20.65
N GLU B 37 -25.83 4.90 20.87
CA GLU B 37 -25.67 3.45 20.95
C GLU B 37 -25.15 2.89 19.64
N PHE B 38 -24.26 1.92 19.74
CA PHE B 38 -23.79 1.14 18.60
C PHE B 38 -24.29 -0.29 18.79
N GLU B 39 -25.40 -0.60 18.14
CA GLU B 39 -25.95 -1.95 18.24
C GLU B 39 -24.97 -2.96 17.66
N LYS B 40 -24.97 -4.16 18.24
CA LYS B 40 -24.14 -5.26 17.78
C LYS B 40 -24.95 -6.43 17.24
N LYS B 41 -26.11 -6.71 17.83
CA LYS B 41 -26.99 -7.74 17.31
C LYS B 41 -27.56 -7.30 15.96
N TYR B 42 -27.60 -8.23 15.01
CA TYR B 42 -28.02 -7.94 13.65
C TYR B 42 -29.48 -8.38 13.46
N ILE B 43 -30.32 -7.43 13.06
CA ILE B 43 -31.71 -7.71 12.70
C ILE B 43 -31.91 -7.16 11.29
N ALA B 44 -32.16 -8.06 10.34
CA ALA B 44 -32.32 -7.65 8.95
C ALA B 44 -33.54 -6.74 8.82
N THR B 45 -33.31 -5.50 8.41
CA THR B 45 -34.42 -4.59 8.19
C THR B 45 -35.34 -5.13 7.12
N ILE B 46 -36.64 -5.02 7.36
CA ILE B 46 -37.67 -5.51 6.43
C ILE B 46 -38.48 -4.31 5.98
N GLY B 47 -38.55 -4.10 4.68
CA GLY B 47 -39.19 -2.90 4.16
C GLY B 47 -38.24 -1.73 4.20
N VAL B 48 -38.72 -0.61 4.73
CA VAL B 48 -37.92 0.61 4.85
C VAL B 48 -38.14 1.20 6.23
N GLU B 49 -37.06 1.71 6.81
CA GLU B 49 -37.11 2.43 8.08
C GLU B 49 -36.88 3.90 7.80
N VAL B 50 -37.85 4.74 8.13
CA VAL B 50 -37.75 6.18 7.96
C VAL B 50 -37.34 6.79 9.29
N HIS B 51 -36.25 7.56 9.27
CA HIS B 51 -35.66 8.10 10.49
C HIS B 51 -35.32 9.58 10.29
N PRO B 52 -36.14 10.50 10.79
CA PRO B 52 -35.76 11.91 10.72
C PRO B 52 -34.46 12.18 11.45
N LEU B 53 -33.42 12.56 10.71
CA LEU B 53 -32.10 12.81 11.26
C LEU B 53 -31.73 14.26 10.99
N SER B 54 -31.34 14.98 12.04
CA SER B 54 -31.11 16.41 11.96
C SER B 54 -29.65 16.73 12.26
N PHE B 55 -29.18 17.83 11.67
CA PHE B 55 -27.83 18.33 11.91
C PHE B 55 -27.89 19.84 12.11
N TYR B 56 -27.00 20.34 12.96
CA TYR B 56 -26.86 21.77 13.20
C TYR B 56 -25.56 22.25 12.58
N THR B 57 -25.64 23.32 11.79
CA THR B 57 -24.48 23.85 11.10
C THR B 57 -24.38 25.35 11.33
N ASN B 58 -23.21 25.89 11.02
CA ASN B 58 -22.98 27.31 11.24
C ASN B 58 -23.97 28.17 10.48
N PHE B 59 -24.49 27.68 9.36
CA PHE B 59 -25.47 28.42 8.57
C PHE B 59 -26.91 28.06 8.92
N GLY B 60 -27.12 27.20 9.91
CA GLY B 60 -28.47 26.84 10.31
C GLY B 60 -28.61 25.38 10.66
N GLU B 61 -29.78 24.80 10.40
CA GLU B 61 -30.05 23.40 10.66
C GLU B 61 -30.54 22.73 9.37
N ILE B 62 -30.23 21.45 9.24
CA ILE B 62 -30.68 20.65 8.11
C ILE B 62 -31.23 19.33 8.65
N LYS B 63 -32.13 18.73 7.89
CA LYS B 63 -32.76 17.47 8.27
C LYS B 63 -32.70 16.51 7.09
N PHE B 64 -32.29 15.27 7.35
CA PHE B 64 -32.29 14.21 6.36
C PHE B 64 -33.32 13.16 6.77
N ASP B 65 -34.31 12.94 5.91
CA ASP B 65 -35.25 11.84 6.10
C ASP B 65 -34.55 10.58 5.59
N VAL B 66 -33.76 9.95 6.45
CA VAL B 66 -32.94 8.83 6.02
C VAL B 66 -33.83 7.61 5.82
N TRP B 67 -34.18 7.34 4.56
CA TRP B 67 -34.94 6.15 4.21
C TRP B 67 -33.96 4.98 4.18
N ASP B 68 -33.91 4.22 5.28
CA ASP B 68 -33.04 3.06 5.36
C ASP B 68 -33.74 1.88 4.70
N THR B 69 -33.20 1.42 3.58
CA THR B 69 -33.80 0.35 2.81
C THR B 69 -33.22 -1.00 3.20
N ALA B 70 -34.06 -2.03 3.14
CA ALA B 70 -33.62 -3.38 3.43
C ALA B 70 -32.62 -3.85 2.38
N GLY B 71 -31.56 -4.51 2.83
CA GLY B 71 -30.50 -4.97 1.96
C GLY B 71 -30.65 -6.39 1.45
N LEU B 72 -31.80 -7.01 1.65
CA LEU B 72 -32.04 -8.39 1.23
C LEU B 72 -33.22 -8.43 0.26
N GLU B 73 -33.09 -9.22 -0.80
CA GLU B 73 -34.15 -9.28 -1.80
C GLU B 73 -35.45 -9.79 -1.19
N LYS B 74 -35.37 -10.80 -0.32
CA LYS B 74 -36.57 -11.35 0.29
C LYS B 74 -37.34 -10.28 1.06
N PHE B 75 -36.66 -9.26 1.57
CA PHE B 75 -37.25 -8.29 2.47
C PHE B 75 -37.45 -6.91 1.85
N GLY B 76 -36.85 -6.64 0.70
CA GLY B 76 -37.06 -5.35 0.07
C GLY B 76 -38.41 -5.28 -0.62
N GLY B 77 -39.37 -4.59 -0.01
CA GLY B 77 -40.72 -4.58 -0.54
C GLY B 77 -40.83 -3.82 -1.85
N LEU B 78 -40.65 -2.50 -1.79
CA LEU B 78 -40.58 -1.66 -2.99
C LEU B 78 -39.11 -1.41 -3.26
N ARG B 79 -38.44 -2.43 -3.80
CA ARG B 79 -36.98 -2.40 -3.84
C ARG B 79 -36.45 -1.13 -4.50
N ASP B 80 -37.20 -0.57 -5.45
CA ASP B 80 -36.81 0.67 -6.11
C ASP B 80 -37.80 1.79 -5.88
N GLY B 81 -39.01 1.50 -5.45
CA GLY B 81 -39.97 2.57 -5.21
C GLY B 81 -39.55 3.50 -4.10
N TYR B 82 -38.65 3.04 -3.23
CA TYR B 82 -38.19 3.88 -2.14
C TYR B 82 -37.31 5.02 -2.64
N TYR B 83 -36.71 4.88 -3.81
CA TYR B 83 -35.81 5.89 -4.33
C TYR B 83 -36.55 7.02 -5.02
N ILE B 84 -37.87 6.91 -5.16
CA ILE B 84 -38.64 7.92 -5.87
C ILE B 84 -38.59 9.22 -5.09
N ASN B 85 -38.32 10.31 -5.80
CA ASN B 85 -38.22 11.66 -5.25
C ASN B 85 -37.06 11.82 -4.29
N ALA B 86 -36.13 10.87 -4.25
CA ALA B 86 -34.96 11.01 -3.40
C ALA B 86 -34.12 12.18 -3.88
N GLN B 87 -33.50 12.88 -2.93
CA GLN B 87 -32.65 14.02 -3.22
C GLN B 87 -31.18 13.74 -2.99
N CYS B 88 -30.84 12.69 -2.24
CA CYS B 88 -29.45 12.25 -2.10
C CYS B 88 -29.49 10.80 -1.65
N ALA B 89 -28.35 10.13 -1.79
CA ALA B 89 -28.30 8.70 -1.47
C ALA B 89 -26.92 8.34 -0.97
N ILE B 90 -26.86 7.23 -0.25
CA ILE B 90 -25.61 6.70 0.29
C ILE B 90 -25.57 5.21 -0.03
N ILE B 91 -24.46 4.75 -0.61
CA ILE B 91 -24.27 3.36 -0.94
C ILE B 91 -23.26 2.79 0.06
N MET B 92 -23.71 1.83 0.86
CA MET B 92 -22.89 1.24 1.91
C MET B 92 -22.46 -0.16 1.49
N PHE B 93 -21.16 -0.42 1.57
CA PHE B 93 -20.62 -1.73 1.30
C PHE B 93 -19.64 -2.09 2.40
N ASP B 94 -19.55 -3.39 2.69
CA ASP B 94 -18.72 -3.89 3.79
C ASP B 94 -17.30 -4.13 3.28
N VAL B 95 -16.32 -3.46 3.90
CA VAL B 95 -14.93 -3.65 3.48
C VAL B 95 -14.48 -5.07 3.79
N THR B 96 -14.96 -5.65 4.89
CA THR B 96 -14.53 -6.98 5.28
C THR B 96 -15.01 -8.05 4.31
N SER B 97 -16.12 -7.81 3.62
CA SER B 97 -16.70 -8.77 2.69
C SER B 97 -16.64 -8.20 1.28
N ARG B 98 -15.97 -8.92 0.38
CA ARG B 98 -15.77 -8.42 -0.97
C ARG B 98 -16.98 -8.65 -1.87
N ILE B 99 -17.93 -9.49 -1.47
CA ILE B 99 -19.14 -9.65 -2.25
C ILE B 99 -19.94 -8.36 -2.27
N THR B 100 -19.99 -7.65 -1.14
CA THR B 100 -20.77 -6.43 -1.08
C THR B 100 -20.24 -5.39 -2.05
N TYR B 101 -18.92 -5.21 -2.10
CA TYR B 101 -18.33 -4.27 -3.06
C TYR B 101 -18.64 -4.70 -4.48
N LYS B 102 -18.60 -6.01 -4.74
CA LYS B 102 -18.94 -6.50 -6.07
C LYS B 102 -20.34 -6.10 -6.48
N ASN B 103 -21.23 -5.89 -5.51
CA ASN B 103 -22.62 -5.51 -5.78
C ASN B 103 -22.83 -4.00 -5.81
N VAL B 104 -21.80 -3.20 -5.50
CA VAL B 104 -21.97 -1.76 -5.52
C VAL B 104 -22.38 -1.26 -6.90
N PRO B 105 -21.75 -1.67 -8.00
CA PRO B 105 -22.22 -1.21 -9.30
C PRO B 105 -23.68 -1.50 -9.55
N ASN B 106 -24.17 -2.65 -9.08
CA ASN B 106 -25.58 -2.97 -9.24
C ASN B 106 -26.45 -1.98 -8.47
N TRP B 107 -26.08 -1.66 -7.23
CA TRP B 107 -26.87 -0.74 -6.43
C TRP B 107 -26.89 0.65 -7.06
N HIS B 108 -25.74 1.12 -7.53
CA HIS B 108 -25.71 2.41 -8.20
C HIS B 108 -26.52 2.39 -9.48
N ARG B 109 -26.45 1.28 -10.22
CA ARG B 109 -27.12 1.20 -11.51
C ARG B 109 -28.63 1.38 -11.35
N ASP B 110 -29.24 0.63 -10.43
CA ASP B 110 -30.67 0.73 -10.21
C ASP B 110 -31.04 1.87 -9.27
N LEU B 111 -30.06 2.57 -8.73
CA LEU B 111 -30.32 3.77 -7.94
C LEU B 111 -30.39 5.01 -8.81
N VAL B 112 -29.55 5.08 -9.86
CA VAL B 112 -29.60 6.21 -10.78
C VAL B 112 -30.74 6.10 -11.78
N ARG B 113 -31.34 4.92 -11.93
CA ARG B 113 -32.49 4.79 -12.82
C ARG B 113 -33.66 5.65 -12.34
N VAL B 114 -33.92 5.64 -11.03
CA VAL B 114 -35.07 6.38 -10.51
C VAL B 114 -34.71 7.85 -10.31
N CYS B 115 -33.75 8.11 -9.44
CA CYS B 115 -33.25 9.45 -9.21
C CYS B 115 -31.92 9.60 -9.96
N GLU B 116 -31.84 10.58 -10.84
CA GLU B 116 -30.77 10.61 -11.84
C GLU B 116 -29.54 11.38 -11.37
N ASN B 117 -29.72 12.67 -11.06
CA ASN B 117 -28.59 13.57 -10.82
C ASN B 117 -28.32 13.82 -9.35
N ILE B 118 -28.92 13.06 -8.45
CA ILE B 118 -28.76 13.27 -7.02
C ILE B 118 -27.33 13.02 -6.61
N PRO B 119 -26.81 13.72 -5.61
CA PRO B 119 -25.50 13.33 -5.04
C PRO B 119 -25.58 11.94 -4.44
N ILE B 120 -24.50 11.18 -4.63
CA ILE B 120 -24.41 9.81 -4.11
C ILE B 120 -23.06 9.66 -3.44
N VAL B 121 -23.05 9.07 -2.25
CA VAL B 121 -21.84 8.87 -1.47
C VAL B 121 -21.65 7.37 -1.27
N LEU B 122 -20.46 6.89 -1.55
CA LEU B 122 -20.10 5.50 -1.35
C LEU B 122 -19.33 5.38 -0.04
N CYS B 123 -19.85 4.59 0.88
CA CYS B 123 -19.26 4.44 2.21
C CYS B 123 -18.75 3.01 2.38
N GLY B 124 -17.48 2.88 2.73
CA GLY B 124 -16.93 1.59 3.09
C GLY B 124 -17.01 1.36 4.59
N ASN B 125 -18.02 0.63 5.02
CA ASN B 125 -18.31 0.49 6.44
C ASN B 125 -17.48 -0.62 7.07
N LYS B 126 -17.41 -0.60 8.40
CA LYS B 126 -16.73 -1.63 9.19
C LYS B 126 -15.24 -1.68 8.84
N VAL B 127 -14.60 -0.52 8.97
CA VAL B 127 -13.15 -0.41 8.74
C VAL B 127 -12.35 -0.72 9.99
N ASP B 128 -12.99 -0.79 11.16
CA ASP B 128 -12.23 -0.98 12.40
C ASP B 128 -11.52 -2.32 12.41
N VAL B 129 -12.14 -3.37 11.86
CA VAL B 129 -11.57 -4.70 11.95
C VAL B 129 -10.15 -4.71 11.36
N LYS B 130 -9.36 -5.68 11.82
CA LYS B 130 -7.98 -5.82 11.37
C LYS B 130 -7.85 -6.53 10.03
N GLU B 131 -8.91 -7.17 9.54
CA GLU B 131 -8.89 -7.90 8.28
C GLU B 131 -9.99 -7.35 7.38
N ARG B 132 -9.61 -6.51 6.42
CA ARG B 132 -10.52 -5.96 5.43
C ARG B 132 -10.21 -6.61 4.09
N LYS B 133 -11.13 -7.43 3.60
CA LYS B 133 -10.91 -8.11 2.32
C LYS B 133 -10.89 -7.11 1.17
N VAL B 134 -11.60 -6.00 1.30
CA VAL B 134 -11.68 -4.98 0.25
C VAL B 134 -10.62 -3.94 0.60
N LYS B 135 -9.41 -4.16 0.09
CA LYS B 135 -8.34 -3.20 0.33
C LYS B 135 -8.60 -1.90 -0.42
N ALA B 136 -8.16 -0.79 0.17
CA ALA B 136 -8.40 0.51 -0.44
C ALA B 136 -7.86 0.57 -1.86
N LYS B 137 -6.78 -0.15 -2.14
CA LYS B 137 -6.25 -0.17 -3.50
C LYS B 137 -7.25 -0.71 -4.50
N THR B 138 -8.12 -1.62 -4.06
CA THR B 138 -9.09 -2.25 -4.96
C THR B 138 -10.36 -1.44 -5.14
N ILE B 139 -10.50 -0.31 -4.45
CA ILE B 139 -11.69 0.52 -4.55
C ILE B 139 -11.46 1.55 -5.64
N THR B 140 -12.15 1.39 -6.76
CA THR B 140 -12.04 2.33 -7.87
C THR B 140 -13.38 2.75 -8.45
N PHE B 141 -14.49 2.15 -8.00
CA PHE B 141 -15.78 2.51 -8.55
C PHE B 141 -16.11 3.98 -8.29
N HIS B 142 -15.78 4.46 -7.09
CA HIS B 142 -16.16 5.83 -6.73
C HIS B 142 -15.57 6.84 -7.71
N ARG B 143 -14.31 6.68 -8.09
CA ARG B 143 -13.70 7.59 -9.05
C ARG B 143 -14.14 7.30 -10.47
N LYS B 144 -14.71 6.12 -10.74
CA LYS B 144 -15.22 5.83 -12.07
C LYS B 144 -16.52 6.58 -12.33
N LYS B 145 -17.42 6.61 -11.35
CA LYS B 145 -18.70 7.29 -11.47
C LYS B 145 -18.69 8.67 -10.82
N ASN B 146 -17.53 9.14 -10.36
CA ASN B 146 -17.40 10.47 -9.77
C ASN B 146 -18.15 10.57 -8.44
N LEU B 147 -18.20 9.48 -7.68
CA LEU B 147 -18.83 9.47 -6.37
C LEU B 147 -17.83 9.88 -5.31
N GLN B 148 -18.34 10.49 -4.24
CA GLN B 148 -17.51 10.81 -3.08
C GLN B 148 -17.44 9.58 -2.19
N TYR B 149 -16.23 9.10 -1.91
CA TYR B 149 -16.02 7.88 -1.16
C TYR B 149 -15.42 8.19 0.20
N TYR B 150 -15.82 7.40 1.20
CA TYR B 150 -15.30 7.54 2.55
C TYR B 150 -15.09 6.18 3.17
N ASP B 151 -14.16 6.11 4.16
CA ASP B 151 -13.90 4.88 4.95
C ASP B 151 -14.47 5.17 6.33
N ILE B 152 -15.60 4.56 6.71
CA ILE B 152 -16.31 4.83 7.95
C ILE B 152 -16.48 3.53 8.72
N SER B 153 -16.74 3.67 10.01
CA SER B 153 -17.09 2.54 10.86
C SER B 153 -18.03 3.07 11.94
N ALA B 154 -19.24 2.56 11.98
CA ALA B 154 -20.19 2.94 13.02
C ALA B 154 -19.86 2.31 14.36
N LYS B 155 -18.75 1.59 14.44
CA LYS B 155 -18.26 1.03 15.69
C LYS B 155 -17.15 1.86 16.31
N SER B 156 -16.49 2.70 15.51
CA SER B 156 -15.45 3.60 15.99
C SER B 156 -15.78 5.06 15.75
N ASN B 157 -16.87 5.39 15.05
CA ASN B 157 -17.16 6.77 14.68
C ASN B 157 -15.99 7.39 13.92
N TYR B 158 -15.37 6.59 13.05
CA TYR B 158 -14.19 7.06 12.33
C TYR B 158 -14.53 8.25 11.44
N ASN B 159 -15.56 8.11 10.60
CA ASN B 159 -15.97 9.18 9.71
C ASN B 159 -17.48 9.28 9.60
N PHE B 160 -18.20 8.68 10.55
CA PHE B 160 -19.68 8.60 10.48
C PHE B 160 -20.27 9.91 9.96
N GLU B 161 -19.76 11.08 10.38
CA GLU B 161 -20.38 12.35 10.02
C GLU B 161 -19.92 12.86 8.66
N LYS B 162 -18.86 12.30 8.10
CA LYS B 162 -18.36 12.82 6.81
C LYS B 162 -19.40 12.73 5.70
N PRO B 163 -20.03 11.58 5.45
CA PRO B 163 -21.00 11.53 4.34
C PRO B 163 -22.08 12.58 4.46
N PHE B 164 -22.62 12.78 5.66
CA PHE B 164 -23.68 13.76 5.81
C PHE B 164 -23.18 15.17 5.57
N LEU B 165 -21.94 15.47 5.98
CA LEU B 165 -21.38 16.78 5.72
C LEU B 165 -21.25 17.03 4.23
N TRP B 166 -20.74 16.05 3.48
CA TRP B 166 -20.60 16.21 2.04
C TRP B 166 -21.96 16.39 1.38
N LEU B 167 -22.94 15.59 1.79
CA LEU B 167 -24.27 15.70 1.21
C LEU B 167 -24.88 17.06 1.53
N ALA B 168 -24.70 17.55 2.76
CA ALA B 168 -25.23 18.86 3.11
C ALA B 168 -24.58 19.95 2.27
N ARG B 169 -23.26 19.88 2.08
CA ARG B 169 -22.59 20.87 1.26
C ARG B 169 -23.12 20.85 -0.17
N LYS B 170 -23.28 19.65 -0.73
CA LYS B 170 -23.78 19.56 -2.11
C LYS B 170 -25.20 20.08 -2.21
N LEU B 171 -26.06 19.70 -1.28
CA LEU B 171 -27.47 20.09 -1.36
C LEU B 171 -27.64 21.60 -1.17
N ALA B 172 -26.95 22.17 -0.19
CA ALA B 172 -27.11 23.59 0.12
C ALA B 172 -26.29 24.49 -0.79
N GLY B 173 -25.47 23.93 -1.66
CA GLY B 173 -24.62 24.76 -2.50
C GLY B 173 -23.72 25.67 -1.71
N ASN B 174 -23.19 25.18 -0.59
CA ASN B 174 -22.41 25.99 0.35
C ASN B 174 -21.25 25.16 0.84
N PRO B 175 -20.17 25.07 0.05
CA PRO B 175 -19.04 24.25 0.49
C PRO B 175 -18.44 24.68 1.81
N GLN B 176 -18.71 25.91 2.25
CA GLN B 176 -18.24 26.37 3.54
C GLN B 176 -19.08 25.87 4.70
N LEU B 177 -20.20 25.21 4.42
CA LEU B 177 -21.06 24.72 5.49
C LEU B 177 -20.30 23.72 6.36
N GLU B 178 -20.54 23.79 7.67
CA GLU B 178 -19.84 22.96 8.62
C GLU B 178 -20.74 22.71 9.83
N PHE B 179 -20.64 21.49 10.38
CA PHE B 179 -21.42 21.12 11.56
C PHE B 179 -20.83 21.77 12.81
N VAL B 180 -21.72 22.14 13.74
CA VAL B 180 -21.31 22.86 14.93
C VAL B 180 -21.82 22.15 16.19
PG GTP C . -29.93 -5.04 6.36
O1G GTP C . -30.70 -4.82 7.64
O2G GTP C . -30.09 -6.46 5.87
O3G GTP C . -30.43 -4.08 5.32
O3B GTP C . -28.38 -4.74 6.64
PB GTP C . -28.02 -3.68 7.80
O1B GTP C . -29.19 -2.74 7.98
O2B GTP C . -26.75 -2.94 7.49
O3A GTP C . -27.85 -4.56 9.12
PA GTP C . -27.59 -3.81 10.50
O1A GTP C . -27.09 -2.41 10.22
O2A GTP C . -28.84 -3.79 11.34
O5' GTP C . -26.45 -4.66 11.24
C5' GTP C . -25.15 -4.70 10.70
C4' GTP C . -24.28 -5.59 11.57
O4' GTP C . -22.92 -5.32 11.28
C3' GTP C . -24.49 -5.31 13.05
O3' GTP C . -25.27 -6.31 13.66
C2' GTP C . -23.10 -5.26 13.65
O2' GTP C . -22.87 -6.44 14.38
C1' GTP C . -22.16 -5.12 12.46
N9 GTP C . -21.62 -3.76 12.44
C8 GTP C . -22.34 -2.61 12.27
N7 GTP C . -21.49 -1.56 12.30
C5 GTP C . -20.23 -2.02 12.47
C6 GTP C . -19.01 -1.39 12.56
O6 GTP C . -18.95 -0.16 12.49
N1 GTP C . -17.86 -2.14 12.73
C2 GTP C . -17.95 -3.51 12.82
N2 GTP C . -16.85 -4.24 13.00
N3 GTP C . -19.17 -4.13 12.73
C4 GTP C . -20.30 -3.41 12.56
H4' GTP C . -24.51 -6.63 11.37
H3' GTP C . -24.97 -4.33 13.16
HO3' GTP C . -24.74 -6.75 14.35
H2' GTP C . -23.02 -4.39 14.29
HO2' GTP C . -22.20 -6.99 13.92
H1' GTP C . -21.36 -5.85 12.54
H8 GTP C . -23.41 -2.55 12.10
HN1 GTP C . -16.93 -1.67 12.70
HN21 GTP C . -16.92 -5.24 13.04
HN22 GTP C . -15.96 -3.77 13.18
MG MG D . -31.01 -3.04 7.89
#